data_1KOD
# 
_entry.id   1KOD 
# 
_audit_conform.dict_name       mmcif_pdbx.dic 
_audit_conform.dict_version    5.381 
_audit_conform.dict_location   http://mmcif.pdb.org/dictionaries/ascii/mmcif_pdbx.dic 
# 
loop_
_database_2.database_id 
_database_2.database_code 
_database_2.pdbx_database_accession 
_database_2.pdbx_DOI 
PDB   1KOD         pdb_00001kod 10.2210/pdb1kod/pdb 
WWPDB D_1000174468 ?            ?                   
# 
_pdbx_database_related.db_name        PDB 
_pdbx_database_related.db_id          1KOC 
_pdbx_database_related.details        '1 STRUCTURE' 
_pdbx_database_related.content_type   unspecified 
# 
_pdbx_database_status.status_code                     REL 
_pdbx_database_status.entry_id                        1KOD 
_pdbx_database_status.recvd_initial_deposition_date   1996-03-28 
_pdbx_database_status.deposit_site                    ? 
_pdbx_database_status.process_site                    BNL 
_pdbx_database_status.SG_entry                        . 
_pdbx_database_status.pdb_format_compatible           Y 
_pdbx_database_status.status_code_mr                  ? 
_pdbx_database_status.status_code_sf                  ? 
_pdbx_database_status.status_code_cs                  ? 
_pdbx_database_status.status_code_nmr_data            ? 
_pdbx_database_status.methods_development_category    ? 
# 
loop_
_audit_author.name 
_audit_author.pdbx_ordinal 
'Yang, Y.S.'      1 
'Kochoyan, M.'    2 
'Burgstaller, P.' 3 
'Westhof, E.'     4 
'Famulok, M.'     5 
# 
loop_
_citation.id 
_citation.title 
_citation.journal_abbrev 
_citation.journal_volume 
_citation.page_first 
_citation.page_last 
_citation.year 
_citation.journal_id_ASTM 
_citation.country 
_citation.journal_id_ISSN 
_citation.journal_id_CSD 
_citation.book_publisher 
_citation.pdbx_database_id_PubMed 
_citation.pdbx_database_id_DOI 
primary 'Structural basis of ligand discrimination by two related RNA aptamers resolved by NMR spectroscopy.' Science              
272 1343 1347 1996 SCIEAS US 0036-8075 0038 ? 8650546 ? 
1       
;Structural Probing and Damage Selection of Citrulline-and Arginine-Specific RNA Aptamers Identify Base Positions Required for Binding
;
'Nucleic Acids Res.' 23  4769 ?    1995 NARHAD UK 0305-1048 0389 ? ?       ? 
# 
loop_
_citation_author.citation_id 
_citation_author.name 
_citation_author.ordinal 
_citation_author.identifier_ORCID 
primary 'Yang, Y.'        1 ? 
primary 'Kochoyan, M.'    2 ? 
primary 'Burgstaller, P.' 3 ? 
primary 'Westhof, E.'     4 ? 
primary 'Famulok, M.'     5 ? 
1       'Burgstaller, P.' 6 ? 
1       'Kochoyan, M.'    7 ? 
1       'Famulok, M.'     8 ? 
# 
_cell.entry_id           1KOD 
_cell.length_a           1.000 
_cell.length_b           1.000 
_cell.length_c           1.000 
_cell.angle_alpha        90.00 
_cell.angle_beta         90.00 
_cell.angle_gamma        90.00 
_cell.Z_PDB              1 
_cell.pdbx_unique_axis   ? 
# 
_symmetry.entry_id                         1KOD 
_symmetry.space_group_name_H-M             'P 1' 
_symmetry.pdbx_full_space_group_name_H-M   ? 
_symmetry.cell_setting                     ? 
_symmetry.Int_Tables_number                1 
# 
loop_
_entity.id 
_entity.type 
_entity.src_method 
_entity.pdbx_description 
_entity.formula_weight 
_entity.pdbx_number_of_molecules 
_entity.pdbx_ec 
_entity.pdbx_mutation 
_entity.pdbx_fragment 
_entity.details 
1 polymer     syn 
;RNA (5'-R(P*AP*GP*AP*AP*GP*GP*AP*GP*UP*GP*U)-3')
;
3610.226 1 ? ? ? ? 
2 polymer     syn 
;RNA (5'-R(P*AP*CP*GP*GP*UP*UP*AP*GP*GP*UP*CP*GP*CP*U)-3')
;
4479.691 1 ? ? ? ? 
3 non-polymer syn CITRULLINE                                                  175.186  1 ? ? ? ? 
# 
loop_
_entity_poly.entity_id 
_entity_poly.type 
_entity_poly.nstd_linkage 
_entity_poly.nstd_monomer 
_entity_poly.pdbx_seq_one_letter_code 
_entity_poly.pdbx_seq_one_letter_code_can 
_entity_poly.pdbx_strand_id 
_entity_poly.pdbx_target_identifier 
1 polyribonucleotide no no AGAAGGAGUGU    AGAAGGAGUGU    A ? 
2 polyribonucleotide no no ACGGUUAGGUCGCU ACGGUUAGGUCGCU B ? 
# 
loop_
_entity_poly_seq.entity_id 
_entity_poly_seq.num 
_entity_poly_seq.mon_id 
_entity_poly_seq.hetero 
1 1  A n 
1 2  G n 
1 3  A n 
1 4  A n 
1 5  G n 
1 6  G n 
1 7  A n 
1 8  G n 
1 9  U n 
1 10 G n 
1 11 U n 
2 1  A n 
2 2  C n 
2 3  G n 
2 4  G n 
2 5  U n 
2 6  U n 
2 7  A n 
2 8  G n 
2 9  G n 
2 10 U n 
2 11 C n 
2 12 G n 
2 13 C n 
2 14 U n 
# 
loop_
_struct_ref.id 
_struct_ref.entity_id 
_struct_ref.db_name 
_struct_ref.db_code 
_struct_ref.pdbx_db_accession 
_struct_ref.pdbx_db_isoform 
_struct_ref.pdbx_seq_one_letter_code 
_struct_ref.pdbx_align_begin 
1 1 PDB 1KOD 1KOD ? ? ? 
2 2 PDB 1KOD 1KOD ? ? ? 
# 
loop_
_struct_ref_seq.align_id 
_struct_ref_seq.ref_id 
_struct_ref_seq.pdbx_PDB_id_code 
_struct_ref_seq.pdbx_strand_id 
_struct_ref_seq.seq_align_beg 
_struct_ref_seq.pdbx_seq_align_beg_ins_code 
_struct_ref_seq.seq_align_end 
_struct_ref_seq.pdbx_seq_align_end_ins_code 
_struct_ref_seq.pdbx_db_accession 
_struct_ref_seq.db_align_beg 
_struct_ref_seq.pdbx_db_align_beg_ins_code 
_struct_ref_seq.db_align_end 
_struct_ref_seq.pdbx_db_align_end_ins_code 
_struct_ref_seq.pdbx_auth_seq_align_beg 
_struct_ref_seq.pdbx_auth_seq_align_end 
1 1 1KOD A 1 ? 11 ? 1KOD 5  ? 15 ? 5  15 
2 2 1KOD B 1 ? 14 ? 1KOD 27 ? 40 ? 27 40 
# 
loop_
_chem_comp.id 
_chem_comp.type 
_chem_comp.mon_nstd_flag 
_chem_comp.name 
_chem_comp.pdbx_synonyms 
_chem_comp.formula 
_chem_comp.formula_weight 
A   'RNA linking'       y "ADENOSINE-5'-MONOPHOSPHATE" ? 'C10 H14 N5 O7 P' 347.221 
C   'RNA linking'       y "CYTIDINE-5'-MONOPHOSPHATE"  ? 'C9 H14 N3 O8 P'  323.197 
CIR 'L-peptide linking' n CITRULLINE                   ? 'C6 H13 N3 O3'    175.186 
G   'RNA linking'       y "GUANOSINE-5'-MONOPHOSPHATE" ? 'C10 H14 N5 O8 P' 363.221 
U   'RNA linking'       y "URIDINE-5'-MONOPHOSPHATE"   ? 'C9 H13 N2 O9 P'  324.181 
# 
_pdbx_nmr_ensemble.entry_id                             1KOD 
_pdbx_nmr_ensemble.conformers_calculated_total_number   ? 
_pdbx_nmr_ensemble.conformers_submitted_total_number    1 
_pdbx_nmr_ensemble.conformer_selection_criteria         ? 
# 
_pdbx_nmr_software.classification   refinement 
_pdbx_nmr_software.name             NUCLSQ 
_pdbx_nmr_software.version          ? 
_pdbx_nmr_software.authors          WESTHOF,DUMAS,MORAS 
_pdbx_nmr_software.ordinal          1 
# 
_exptl.entry_id          1KOD 
_exptl.method            'SOLUTION NMR' 
_exptl.crystals_number   ? 
# 
_struct.entry_id                  1KOD 
_struct.title                     'RNA APTAMER COMPLEXED WITH CITRULLINE, NMR' 
_struct.pdbx_model_details        ? 
_struct.pdbx_CASP_flag            ? 
_struct.pdbx_model_type_details   ? 
# 
_struct_keywords.entry_id        1KOD 
_struct_keywords.pdbx_keywords   RNA 
_struct_keywords.text            'IN VITRO SELECTED RNA, RNA APTAMER, RNA' 
# 
loop_
_struct_asym.id 
_struct_asym.pdbx_blank_PDB_chainid_flag 
_struct_asym.pdbx_modified 
_struct_asym.entity_id 
_struct_asym.details 
A N N 1 ? 
B N N 2 ? 
C N N 3 ? 
# 
_struct_biol.id   1 
# 
loop_
_struct_conn.id 
_struct_conn.conn_type_id 
_struct_conn.pdbx_leaving_atom_flag 
_struct_conn.pdbx_PDB_id 
_struct_conn.ptnr1_label_asym_id 
_struct_conn.ptnr1_label_comp_id 
_struct_conn.ptnr1_label_seq_id 
_struct_conn.ptnr1_label_atom_id 
_struct_conn.pdbx_ptnr1_label_alt_id 
_struct_conn.pdbx_ptnr1_PDB_ins_code 
_struct_conn.pdbx_ptnr1_standard_comp_id 
_struct_conn.ptnr1_symmetry 
_struct_conn.ptnr2_label_asym_id 
_struct_conn.ptnr2_label_comp_id 
_struct_conn.ptnr2_label_seq_id 
_struct_conn.ptnr2_label_atom_id 
_struct_conn.pdbx_ptnr2_label_alt_id 
_struct_conn.pdbx_ptnr2_PDB_ins_code 
_struct_conn.ptnr1_auth_asym_id 
_struct_conn.ptnr1_auth_comp_id 
_struct_conn.ptnr1_auth_seq_id 
_struct_conn.ptnr2_auth_asym_id 
_struct_conn.ptnr2_auth_comp_id 
_struct_conn.ptnr2_auth_seq_id 
_struct_conn.ptnr2_symmetry 
_struct_conn.pdbx_ptnr3_label_atom_id 
_struct_conn.pdbx_ptnr3_label_seq_id 
_struct_conn.pdbx_ptnr3_label_comp_id 
_struct_conn.pdbx_ptnr3_label_asym_id 
_struct_conn.pdbx_ptnr3_label_alt_id 
_struct_conn.pdbx_ptnr3_PDB_ins_code 
_struct_conn.details 
_struct_conn.pdbx_dist_value 
_struct_conn.pdbx_value_order 
_struct_conn.pdbx_role 
hydrog1  hydrog ? ? A A 1  N1 ? ? ? 1_555 B U 14 N3 ? ? A A 5  B U 40 1_555 ? ? ? ? ? ? WATSON-CRICK  ? ? ? 
hydrog2  hydrog ? ? A A 1  N6 ? ? ? 1_555 B U 14 O4 ? ? A A 5  B U 40 1_555 ? ? ? ? ? ? WATSON-CRICK  ? ? ? 
hydrog3  hydrog ? ? A G 2  N1 ? ? ? 1_555 B C 13 N3 ? ? A G 6  B C 39 1_555 ? ? ? ? ? ? WATSON-CRICK  ? ? ? 
hydrog4  hydrog ? ? A G 2  N2 ? ? ? 1_555 B C 13 O2 ? ? A G 6  B C 39 1_555 ? ? ? ? ? ? WATSON-CRICK  ? ? ? 
hydrog5  hydrog ? ? A G 2  O6 ? ? ? 1_555 B C 13 N4 ? ? A G 6  B C 39 1_555 ? ? ? ? ? ? WATSON-CRICK  ? ? ? 
hydrog6  hydrog ? ? A G 2  N1 ? ? ? 1_555 B U 14 O2 ? ? A G 6  B U 40 1_555 ? ? ? ? ? ? 'G-U MISPAIR' ? ? ? 
hydrog7  hydrog ? ? A A 3  N1 ? ? ? 1_555 B G 12 N1 ? ? A A 7  B G 38 1_555 ? ? ? ? ? ? TYPE_8_PAIR   ? ? ? 
hydrog8  hydrog ? ? A A 3  N6 ? ? ? 1_555 B G 12 O6 ? ? A A 7  B G 38 1_555 ? ? ? ? ? ? TYPE_8_PAIR   ? ? ? 
hydrog9  hydrog ? ? A A 3  N6 ? ? ? 1_555 B C 13 N3 ? ? A A 7  B C 39 1_555 ? ? ? ? ? ? 'A-C MISPAIR' ? ? ? 
hydrog10 hydrog ? ? A G 5  N1 ? ? ? 1_555 A G 8  N7 ? ? A G 9  A G 12 1_555 ? ? ? ? ? ? 'G-G MISPAIR' ? ? ? 
hydrog11 hydrog ? ? A G 6  N1 ? ? ? 1_555 B C 11 O2 ? ? A G 10 B C 37 1_555 ? ? ? ? ? ? 'G-C PAIR'    ? ? ? 
hydrog12 hydrog ? ? A A 7  N6 ? ? ? 1_555 B G 4  O6 ? ? A A 11 B G 30 1_555 ? ? ? ? ? ? 'A-G MISPAIR' ? ? ? 
hydrog13 hydrog ? ? A A 7  N1 ? ? ? 1_555 B U 10 N3 ? ? A A 11 B U 36 1_555 ? ? ? ? ? ? 'A-U PAIR'    ? ? ? 
hydrog14 hydrog ? ? A G 8  N1 ? ? ? 1_555 B G 9  O6 ? ? A G 12 B G 35 1_555 ? ? ? ? ? ? TYPE_6_PAIR   ? ? ? 
hydrog15 hydrog ? ? A G 8  N2 ? ? ? 1_555 B G 9  N7 ? ? A G 12 B G 35 1_555 ? ? ? ? ? ? TYPE_6_PAIR   ? ? ? 
hydrog16 hydrog ? ? A U 9  O4 ? ? ? 1_555 B G 3  N1 ? ? A U 13 B G 29 1_555 ? ? ? ? ? ? 'U-G MISPAIR' ? ? ? 
hydrog17 hydrog ? ? A G 10 N1 ? ? ? 1_555 B C 2  N3 ? ? A G 14 B C 28 1_555 ? ? ? ? ? ? WATSON-CRICK  ? ? ? 
hydrog18 hydrog ? ? A G 10 N2 ? ? ? 1_555 B C 2  O2 ? ? A G 14 B C 28 1_555 ? ? ? ? ? ? WATSON-CRICK  ? ? ? 
hydrog19 hydrog ? ? A G 10 O6 ? ? ? 1_555 B C 2  N4 ? ? A G 14 B C 28 1_555 ? ? ? ? ? ? WATSON-CRICK  ? ? ? 
hydrog20 hydrog ? ? A U 11 N3 ? ? ? 1_555 B A 1  N1 ? ? A U 15 B A 27 1_555 ? ? ? ? ? ? WATSON-CRICK  ? ? ? 
hydrog21 hydrog ? ? A U 11 O4 ? ? ? 1_555 B A 1  N6 ? ? A U 15 B A 27 1_555 ? ? ? ? ? ? WATSON-CRICK  ? ? ? 
hydrog22 hydrog ? ? B A 7  N3 ? ? ? 1_555 B G 9  N1 ? ? B A 33 B G 35 1_555 ? ? ? ? ? ? 'A-G MISPAIR' ? ? ? 
hydrog23 hydrog ? ? B G 8  O6 ? ? ? 1_555 B C 11 N4 ? ? B G 34 B C 37 1_555 ? ? ? ? ? ? 'G-C PAIR'    ? ? ? 
hydrog24 hydrog ? ? B G 8  N1 ? ? ? 1_555 B G 12 O6 ? ? B G 34 B G 38 1_555 ? ? ? ? ? ? 'G-G MISPAIR' ? ? ? 
# 
_struct_conn_type.id          hydrog 
_struct_conn_type.criteria    ? 
_struct_conn_type.reference   ? 
# 
_struct_site.id                   AC1 
_struct_site.pdbx_evidence_code   Software 
_struct_site.pdbx_auth_asym_id    B 
_struct_site.pdbx_auth_comp_id    CIR 
_struct_site.pdbx_auth_seq_id     1 
_struct_site.pdbx_auth_ins_code   ? 
_struct_site.pdbx_num_residues    6 
_struct_site.details              'BINDING SITE FOR RESIDUE CIR B 1' 
# 
loop_
_struct_site_gen.id 
_struct_site_gen.site_id 
_struct_site_gen.pdbx_num_res 
_struct_site_gen.label_comp_id 
_struct_site_gen.label_asym_id 
_struct_site_gen.label_seq_id 
_struct_site_gen.pdbx_auth_ins_code 
_struct_site_gen.auth_comp_id 
_struct_site_gen.auth_asym_id 
_struct_site_gen.auth_seq_id 
_struct_site_gen.label_atom_id 
_struct_site_gen.label_alt_id 
_struct_site_gen.symmetry 
_struct_site_gen.details 
1 AC1 6 G A 8 ? G A 12 . ? 1_555 ? 
2 AC1 6 U A 9 ? U A 13 . ? 1_555 ? 
3 AC1 6 G B 4 ? G B 30 . ? 1_555 ? 
4 AC1 6 U B 5 ? U B 31 . ? 1_555 ? 
5 AC1 6 A B 7 ? A B 33 . ? 1_555 ? 
6 AC1 6 G B 9 ? G B 35 . ? 1_555 ? 
# 
_atom_sites.entry_id                    1KOD 
_atom_sites.fract_transf_matrix[1][1]   1.000000 
_atom_sites.fract_transf_matrix[1][2]   0.000000 
_atom_sites.fract_transf_matrix[1][3]   0.000000 
_atom_sites.fract_transf_matrix[2][1]   0.000000 
_atom_sites.fract_transf_matrix[2][2]   1.000000 
_atom_sites.fract_transf_matrix[2][3]   0.000000 
_atom_sites.fract_transf_matrix[3][1]   0.000000 
_atom_sites.fract_transf_matrix[3][2]   0.000000 
_atom_sites.fract_transf_matrix[3][3]   1.000000 
_atom_sites.fract_transf_vector[1]      0.00000 
_atom_sites.fract_transf_vector[2]      0.00000 
_atom_sites.fract_transf_vector[3]      0.00000 
# 
loop_
_atom_type.symbol 
C 
N 
O 
P 
# 
loop_
_atom_site.group_PDB 
_atom_site.id 
_atom_site.type_symbol 
_atom_site.label_atom_id 
_atom_site.label_alt_id 
_atom_site.label_comp_id 
_atom_site.label_asym_id 
_atom_site.label_entity_id 
_atom_site.label_seq_id 
_atom_site.pdbx_PDB_ins_code 
_atom_site.Cartn_x 
_atom_site.Cartn_y 
_atom_site.Cartn_z 
_atom_site.occupancy 
_atom_site.B_iso_or_equiv 
_atom_site.pdbx_formal_charge 
_atom_site.auth_seq_id 
_atom_site.auth_comp_id 
_atom_site.auth_asym_id 
_atom_site.auth_atom_id 
_atom_site.pdbx_PDB_model_num 
ATOM   1   P P     . A   A 1 1  ? 1.175  -4.017 18.831  1.00 1.00 ? 5  A   A P     1 
ATOM   2   O OP1   . A   A 1 1  ? 1.506  -4.054 17.379  1.00 1.00 ? 5  A   A OP1   1 
ATOM   3   O OP2   . A   A 1 1  ? -0.311 -3.955 19.026  1.00 1.00 ? 5  A   A OP2   1 
ATOM   4   O "O5'" . A   A 1 1  ? 1.741  -2.715 19.545  1.00 1.00 ? 5  A   A "O5'" 1 
ATOM   5   C "C5'" . A   A 1 1  ? 1.515  -2.516 20.944  1.00 1.00 ? 5  A   A "C5'" 1 
ATOM   6   C "C4'" . A   A 1 1  ? 2.136  -1.211 21.440  1.00 1.00 ? 5  A   A "C4'" 1 
ATOM   7   O "O4'" . A   A 1 1  ? 3.518  -1.406 21.808  1.00 1.00 ? 5  A   A "O4'" 1 
ATOM   8   C "C3'" . A   A 1 1  ? 2.083  -0.134 20.368  1.00 1.00 ? 5  A   A "C3'" 1 
ATOM   9   O "O3'" . A   A 1 1  ? 1.081  0.846  20.665  1.00 1.00 ? 5  A   A "O3'" 1 
ATOM   10  C "C2'" . A   A 1 1  ? 3.461  0.480  20.325  1.00 1.00 ? 5  A   A "C2'" 1 
ATOM   11  O "O2'" . A   A 1 1  ? 3.448  1.817  20.829  1.00 1.00 ? 5  A   A "O2'" 1 
ATOM   12  C "C1'" . A   A 1 1  ? 4.348  -0.398 21.187  1.00 1.00 ? 5  A   A "C1'" 1 
ATOM   13  N N9    . A   A 1 1  ? 5.409  -1.017 20.374  1.00 1.00 ? 5  A   A N9    1 
ATOM   14  C C8    . A   A 1 1  ? 5.337  -2.057 19.514  1.00 1.00 ? 5  A   A C8    1 
ATOM   15  N N7    . A   A 1 1  ? 6.425  -2.422 18.923  1.00 1.00 ? 5  A   A N7    1 
ATOM   16  C C5    . A   A 1 1  ? 7.348  -1.513 19.449  1.00 1.00 ? 5  A   A C5    1 
ATOM   17  C C6    . A   A 1 1  ? 8.719  -1.332 19.244  1.00 1.00 ? 5  A   A C6    1 
ATOM   18  N N6    . A   A 1 1  ? 9.440  -2.106 18.438  1.00 1.00 ? 5  A   A N6    1 
ATOM   19  N N1    . A   A 1 1  ? 9.322  -0.336 19.919  1.00 1.00 ? 5  A   A N1    1 
ATOM   20  C C2    . A   A 1 1  ? 8.617  0.435  20.752  1.00 1.00 ? 5  A   A C2    1 
ATOM   21  N N3    . A   A 1 1  ? 7.317  0.349  21.023  1.00 1.00 ? 5  A   A N3    1 
ATOM   22  C C4    . A   A 1 1  ? 6.738  -0.653 20.331  1.00 1.00 ? 5  A   A C4    1 
ATOM   23  P P     . G   A 1 2  ? 0.369  1.676  19.478  1.00 1.00 ? 6  G   A P     1 
ATOM   24  O OP1   . G   A 1 2  ? -0.836 2.334  20.030  1.00 1.00 ? 6  G   A OP1   1 
ATOM   25  O OP2   . G   A 1 2  ? 0.250  0.789  18.300  1.00 1.00 ? 6  G   A OP2   1 
ATOM   26  O "O5'" . G   A 1 2  ? 1.458  2.815  19.144  1.00 1.00 ? 6  G   A "O5'" 1 
ATOM   27  C "C5'" . G   A 1 2  ? 1.816  3.787  20.131  1.00 1.00 ? 6  G   A "C5'" 1 
ATOM   28  C "C4'" . G   A 1 2  ? 2.943  4.702  19.654  1.00 1.00 ? 6  G   A "C4'" 1 
ATOM   29  O "O4'" . G   A 1 2  ? 4.207  4.005  19.621  1.00 1.00 ? 6  G   A "O4'" 1 
ATOM   30  C "C3'" . G   A 1 2  ? 2.673  5.230  18.254  1.00 1.00 ? 6  G   A "C3'" 1 
ATOM   31  O "O3'" . G   A 1 2  ? 2.211  6.589  18.294  1.00 1.00 ? 6  G   A "O3'" 1 
ATOM   32  C "C2'" . G   A 1 2  ? 3.983  5.111  17.510  1.00 1.00 ? 6  G   A "C2'" 1 
ATOM   33  O "O2'" . G   A 1 2  ? 4.499  6.397  17.169  1.00 1.00 ? 6  G   A "O2'" 1 
ATOM   34  C "C1'" . G   A 1 2  ? 4.943  4.390  18.440  1.00 1.00 ? 6  G   A "C1'" 1 
ATOM   35  N N9    . G   A 1 2  ? 5.541  3.220  17.765  1.00 1.00 ? 6  G   A N9    1 
ATOM   36  C C8    . G   A 1 2  ? 4.990  2.023  17.455  1.00 1.00 ? 6  G   A C8    1 
ATOM   37  N N7    . G   A 1 2  ? 5.732  1.161  16.842  1.00 1.00 ? 6  G   A N7    1 
ATOM   38  C C5    . G   A 1 2  ? 6.936  1.859  16.717  1.00 1.00 ? 6  G   A C5    1 
ATOM   39  C C6    . G   A 1 2  ? 8.165  1.459  16.123  1.00 1.00 ? 6  G   A C6    1 
ATOM   40  O O6    . G   A 1 2  ? 8.438  0.391  15.578  1.00 1.00 ? 6  G   A O6    1 
ATOM   41  N N1    . G   A 1 2  ? 9.121  2.462  16.207  1.00 1.00 ? 6  G   A N1    1 
ATOM   42  C C2    . G   A 1 2  ? 8.927  3.700  16.788  1.00 1.00 ? 6  G   A C2    1 
ATOM   43  N N2    . G   A 1 2  ? 9.969  4.531  16.762  1.00 1.00 ? 6  G   A N2    1 
ATOM   44  N N3    . G   A 1 2  ? 7.777  4.083  17.349  1.00 1.00 ? 6  G   A N3    1 
ATOM   45  C C4    . G   A 1 2  ? 6.828  3.122  17.279  1.00 1.00 ? 6  G   A C4    1 
ATOM   46  P P     . A   A 1 3  ? 1.493  7.254  17.009  1.00 1.00 ? 7  A   A P     1 
ATOM   47  O OP1   . A   A 1 3  ? 0.613  8.346  17.481  1.00 1.00 ? 7  A   A OP1   1 
ATOM   48  O OP2   . A   A 1 3  ? 0.934  6.166  16.175  1.00 1.00 ? 7  A   A OP2   1 
ATOM   49  O "O5'" . A   A 1 3  ? 2.728  7.912  16.210  1.00 1.00 ? 7  A   A "O5'" 1 
ATOM   50  C "C5'" . A   A 1 3  ? 3.461  9.004  16.774  1.00 1.00 ? 7  A   A "C5'" 1 
ATOM   51  C "C4'" . A   A 1 3  ? 4.717  9.325  15.968  1.00 1.00 ? 7  A   A "C4'" 1 
ATOM   52  O "O4'" . A   A 1 3  ? 5.698  8.279  16.107  1.00 1.00 ? 7  A   A "O4'" 1 
ATOM   53  C "C3'" . A   A 1 3  ? 4.399  9.476  14.486  1.00 1.00 ? 7  A   A "C3'" 1 
ATOM   54  O "O3'" . A   A 1 3  ? 4.513  10.846 14.079  1.00 1.00 ? 7  A   A "O3'" 1 
ATOM   55  C "C2'" . A   A 1 3  ? 5.394  8.603  13.756  1.00 1.00 ? 7  A   A "C2'" 1 
ATOM   56  O "O2'" . A   A 1 3  ? 6.170  9.366  12.828  1.00 1.00 ? 7  A   A "O2'" 1 
ATOM   57  C "C1'" . A   A 1 3  ? 6.283  7.988  14.826  1.00 1.00 ? 7  A   A "C1'" 1 
ATOM   58  N N9    . A   A 1 3  ? 6.443  6.536  14.612  1.00 1.00 ? 7  A   A N9    1 
ATOM   59  C C8    . A   A 1 3  ? 5.543  5.527  14.720  1.00 1.00 ? 7  A   A C8    1 
ATOM   60  N N7    . A   A 1 3  ? 5.939  4.338  14.409  1.00 1.00 ? 7  A   A N7    1 
ATOM   61  C C5    . A   A 1 3  ? 7.271  4.571  14.052  1.00 1.00 ? 7  A   A C5    1 
ATOM   62  C C6    . A   A 1 3  ? 8.299  3.732  13.611  1.00 1.00 ? 7  A   A C6    1 
ATOM   63  N N6    . A   A 1 3  ? 8.147  2.422  13.408  1.00 1.00 ? 7  A   A N6    1 
ATOM   64  N N1    . A   A 1 3  ? 9.489  4.301  13.359  1.00 1.00 ? 7  A   A N1    1 
ATOM   65  C C2    . A   A 1 3  ? 9.664  5.602  13.520  1.00 1.00 ? 7  A   A C2    1 
ATOM   66  N N3    . A   A 1 3  ? 8.768  6.490  13.925  1.00 1.00 ? 7  A   A N3    1 
ATOM   67  C C4    . A   A 1 3  ? 7.583  5.904  14.177  1.00 1.00 ? 7  A   A C4    1 
ATOM   68  P P     . A   A 1 4  ? 3.769  11.381 12.752  1.00 1.00 ? 8  A   A P     1 
ATOM   69  O OP1   . A   A 1 4  ? 2.598  12.186 13.167  1.00 1.00 ? 8  A   A OP1   1 
ATOM   70  O OP2   . A   A 1 4  ? 3.589  10.238 11.830  1.00 1.00 ? 8  A   A OP2   1 
ATOM   71  O "O5'" . A   A 1 4  ? 4.861  12.379 12.115  1.00 1.00 ? 8  A   A "O5'" 1 
ATOM   72  C "C5'" . A   A 1 4  ? 5.968  11.868 11.365  1.00 1.00 ? 8  A   A "C5'" 1 
ATOM   73  C "C4'" . A   A 1 4  ? 7.130  12.860 11.336  1.00 1.00 ? 8  A   A "C4'" 1 
ATOM   74  O "O4'" . A   A 1 4  ? 8.192  12.429 12.210  1.00 1.00 ? 8  A   A "O4'" 1 
ATOM   75  C "C3'" . A   A 1 4  ? 7.700  12.999 9.934   1.00 1.00 ? 8  A   A "C3'" 1 
ATOM   76  O "O3'" . A   A 1 4  ? 7.394  14.285 9.385   1.00 1.00 ? 8  A   A "O3'" 1 
ATOM   77  C "C2'" . A   A 1 4  ? 9.194  12.801 10.058  1.00 1.00 ? 8  A   A "C2'" 1 
ATOM   78  O "O2'" . A   A 1 4  ? 9.901  13.995 9.701   1.00 1.00 ? 8  A   A "O2'" 1 
ATOM   79  C "C1'" . A   A 1 4  ? 9.456  12.430 11.512  1.00 1.00 ? 8  A   A "C1'" 1 
ATOM   80  N N9    . A   A 1 4  ? 10.105 11.109 11.607  1.00 1.00 ? 8  A   A N9    1 
ATOM   81  C C8    . A   A 1 4  ? 9.710  9.915  11.104  1.00 1.00 ? 8  A   A C8    1 
ATOM   82  N N7    . A   A 1 4  ? 10.475 8.895  11.314  1.00 1.00 ? 8  A   A N7    1 
ATOM   83  C C5    . A   A 1 4  ? 11.516 9.472  12.051  1.00 1.00 ? 8  A   A C5    1 
ATOM   84  C C6    . A   A 1 4  ? 12.688 8.949  12.612  1.00 1.00 ? 8  A   A C6    1 
ATOM   85  N N6    . A   A 1 4  ? 13.027 7.662  12.529  1.00 1.00 ? 8  A   A N6    1 
ATOM   86  N N1    . A   A 1 4  ? 13.493 9.799  13.272  1.00 1.00 ? 8  A   A N1    1 
ATOM   87  C C2    . A   A 1 4  ? 13.170 11.090 13.380  1.00 1.00 ? 8  A   A C2    1 
ATOM   88  N N3    . A   A 1 4  ? 12.089 11.690 12.890  1.00 1.00 ? 8  A   A N3    1 
ATOM   89  C C4    . A   A 1 4  ? 11.298 10.819 12.232  1.00 1.00 ? 8  A   A C4    1 
ATOM   90  P P     . G   A 1 5  ? 7.059  14.451 7.819   1.00 1.00 ? 9  G   A P     1 
ATOM   91  O OP1   . G   A 1 5  ? 7.705  15.691 7.335   1.00 1.00 ? 9  G   A OP1   1 
ATOM   92  O OP2   . G   A 1 5  ? 5.603  14.255 7.633   1.00 1.00 ? 9  G   A OP2   1 
ATOM   93  O "O5'" . G   A 1 5  ? 7.822  13.191 7.163   1.00 1.00 ? 9  G   A "O5'" 1 
ATOM   94  C "C5'" . G   A 1 5  ? 8.479  13.308 5.899   1.00 1.00 ? 9  G   A "C5'" 1 
ATOM   95  C "C4'" . G   A 1 5  ? 9.965  12.981 6.010   1.00 1.00 ? 9  G   A "C4'" 1 
ATOM   96  O "O4'" . G   A 1 5  ? 10.158 11.567 6.213   1.00 1.00 ? 9  G   A "O4'" 1 
ATOM   97  C "C3'" . G   A 1 5  ? 10.697 13.375 4.739   1.00 1.00 ? 9  G   A "C3'" 1 
ATOM   98  O "O3'" . G   A 1 5  ? 11.867 14.141 5.074   1.00 1.00 ? 9  G   A "O3'" 1 
ATOM   99  C "C2'" . G   A 1 5  ? 11.036 12.073 4.042   1.00 1.00 ? 9  G   A "C2'" 1 
ATOM   100 O "O2'" . G   A 1 5  ? 12.389 12.038 3.593   1.00 1.00 ? 9  G   A "O2'" 1 
ATOM   101 C "C1'" . G   A 1 5  ? 10.785 10.976 5.055   1.00 1.00 ? 9  G   A "C1'" 1 
ATOM   102 N N9    . G   A 1 5  ? 9.940  9.921  4.481   1.00 1.00 ? 9  G   A N9    1 
ATOM   103 C C8    . G   A 1 5  ? 8.716  9.497  4.862   1.00 1.00 ? 9  G   A C8    1 
ATOM   104 N N7    . G   A 1 5  ? 8.166  8.549  4.175   1.00 1.00 ? 9  G   A N7    1 
ATOM   105 C C5    . G   A 1 5  ? 9.152  8.302  3.208   1.00 1.00 ? 9  G   A C5    1 
ATOM   106 C C6    . G   A 1 5  ? 9.172  7.364  2.143   1.00 1.00 ? 9  G   A C6    1 
ATOM   107 O O6    . G   A 1 5  ? 8.301  6.566  1.814   1.00 1.00 ? 9  G   A O6    1 
ATOM   108 N N1    . G   A 1 5  ? 10.357 7.441  1.417   1.00 1.00 ? 9  G   A N1    1 
ATOM   109 C C2    . G   A 1 5  ? 11.393 8.316  1.674   1.00 1.00 ? 9  G   A C2    1 
ATOM   110 N N2    . G   A 1 5  ? 12.443 8.250  0.853   1.00 1.00 ? 9  G   A N2    1 
ATOM   111 N N3    . G   A 1 5  ? 11.381 9.200  2.670   1.00 1.00 ? 9  G   A N3    1 
ATOM   112 C C4    . G   A 1 5  ? 10.239 9.141  3.394   1.00 1.00 ? 9  G   A C4    1 
ATOM   113 P P     . G   A 1 6  ? 12.896 14.688 3.957   1.00 1.00 ? 10 G   A P     1 
ATOM   114 O OP1   . G   A 1 6  ? 13.267 16.076 4.309   1.00 1.00 ? 10 G   A OP1   1 
ATOM   115 O OP2   . G   A 1 6  ? 12.347 14.389 2.616   1.00 1.00 ? 10 G   A OP2   1 
ATOM   116 O "O5'" . G   A 1 6  ? 14.181 13.745 4.207   1.00 1.00 ? 10 G   A "O5'" 1 
ATOM   117 C "C5'" . G   A 1 6  ? 14.388 13.141 5.491   1.00 1.00 ? 10 G   A "C5'" 1 
ATOM   118 C "C4'" . G   A 1 6  ? 15.270 11.897 5.409   1.00 1.00 ? 10 G   A "C4'" 1 
ATOM   119 O "O4'" . G   A 1 6  ? 15.188 11.125 6.629   1.00 1.00 ? 10 G   A "O4'" 1 
ATOM   120 C "C3'" . G   A 1 6  ? 14.850 10.975 4.275   1.00 1.00 ? 10 G   A "C3'" 1 
ATOM   121 O "O3'" . G   A 1 6  ? 15.598 11.204 3.076   1.00 1.00 ? 10 G   A "O3'" 1 
ATOM   122 C "C2'" . G   A 1 6  ? 15.084 9.589  4.801   1.00 1.00 ? 10 G   A "C2'" 1 
ATOM   123 O "O2'" . G   A 1 6  ? 16.346 9.081  4.365   1.00 1.00 ? 10 G   A "O2'" 1 
ATOM   124 C "C1'" . G   A 1 6  ? 15.064 9.719  6.309   1.00 1.00 ? 10 G   A "C1'" 1 
ATOM   125 N N9    . G   A 1 6  ? 13.817 9.138  6.853   1.00 1.00 ? 10 G   A N9    1 
ATOM   126 C C8    . G   A 1 6  ? 12.648 9.736  7.215   1.00 1.00 ? 10 G   A C8    1 
ATOM   127 N N7    . G   A 1 6  ? 11.692 8.975  7.626   1.00 1.00 ? 10 G   A N7    1 
ATOM   128 C C5    . G   A 1 6  ? 12.270 7.707  7.527   1.00 1.00 ? 10 G   A C5    1 
ATOM   129 C C6    . G   A 1 6  ? 11.720 6.433  7.827   1.00 1.00 ? 10 G   A C6    1 
ATOM   130 O O6    . G   A 1 6  ? 10.600 6.173  8.262   1.00 1.00 ? 10 G   A O6    1 
ATOM   131 N N1    . G   A 1 6  ? 12.635 5.411  7.579   1.00 1.00 ? 10 G   A N1    1 
ATOM   132 C C2    . G   A 1 6  ? 13.916 5.590  7.111   1.00 1.00 ? 10 G   A C2    1 
ATOM   133 N N2    . G   A 1 6  ? 14.630 4.478  6.940   1.00 1.00 ? 10 G   A N2    1 
ATOM   134 N N3    . G   A 1 6  ? 14.443 6.787  6.829   1.00 1.00 ? 10 G   A N3    1 
ATOM   135 C C4    . G   A 1 6  ? 13.571 7.797  7.057   1.00 1.00 ? 10 G   A C4    1 
ATOM   136 P P     . A   A 1 7  ? 15.061 10.624 1.664   1.00 1.00 ? 11 A   A P     1 
ATOM   137 O OP1   . A   A 1 7  ? 16.084 10.901 0.631   1.00 1.00 ? 11 A   A OP1   1 
ATOM   138 O OP2   . A   A 1 7  ? 13.672 11.096 1.468   1.00 1.00 ? 11 A   A OP2   1 
ATOM   139 O "O5'" . A   A 1 7  ? 15.018 9.028  1.919   1.00 1.00 ? 11 A   A "O5'" 1 
ATOM   140 C "C5'" . A   A 1 7  ? 16.221 8.257  1.870   1.00 1.00 ? 11 A   A "C5'" 1 
ATOM   141 C "C4'" . A   A 1 7  ? 16.061 6.871  2.506   1.00 1.00 ? 11 A   A "C4'" 1 
ATOM   142 O "O4'" . A   A 1 7  ? 15.142 6.882  3.619   1.00 1.00 ? 11 A   A "O4'" 1 
ATOM   143 C "C3'" . A   A 1 7  ? 15.533 5.858  1.509   1.00 1.00 ? 11 A   A "C3'" 1 
ATOM   144 O "O3'" . A   A 1 7  ? 16.603 5.150  0.871   1.00 1.00 ? 11 A   A "O3'" 1 
ATOM   145 C "C2'" . A   A 1 7  ? 14.649 4.932  2.313   1.00 1.00 ? 11 A   A "C2'" 1 
ATOM   146 O "O2'" . A   A 1 7  ? 15.272 3.656  2.499   1.00 1.00 ? 11 A   A "O2'" 1 
ATOM   147 C "C1'" . A   A 1 7  ? 14.424 5.627  3.652   1.00 1.00 ? 11 A   A "C1'" 1 
ATOM   148 N N9    . A   A 1 7  ? 12.988 5.831  3.892   1.00 1.00 ? 11 A   A N9    1 
ATOM   149 C C8    . A   A 1 7  ? 12.357 6.888  4.432   1.00 1.00 ? 11 A   A C8    1 
ATOM   150 N N7    . A   A 1 7  ? 11.082 6.812  4.583   1.00 1.00 ? 11 A   A N7    1 
ATOM   151 C C5    . A   A 1 7  ? 10.817 5.541  4.077   1.00 1.00 ? 11 A   A C5    1 
ATOM   152 C C6    . A   A 1 7  ? 9.638  4.813  3.933   1.00 1.00 ? 11 A   A C6    1 
ATOM   153 N N6    . A   A 1 7  ? 8.449  5.291  4.294   1.00 1.00 ? 11 A   A N6    1 
ATOM   154 N N1    . A   A 1 7  ? 9.732  3.585  3.396   1.00 1.00 ? 11 A   A N1    1 
ATOM   155 C C2    . A   A 1 7  ? 10.916 3.099  3.023   1.00 1.00 ? 11 A   A C2    1 
ATOM   156 N N3    . A   A 1 7  ? 12.095 3.705  3.113   1.00 1.00 ? 11 A   A N3    1 
ATOM   157 C C4    . A   A 1 7  ? 11.972 4.934  3.654   1.00 1.00 ? 11 A   A C4    1 
ATOM   158 P P     . G   A 1 8  ? 16.674 5.059  -0.736  1.00 1.00 ? 12 G   A P     1 
ATOM   159 O OP1   . G   A 1 8  ? 18.009 4.545  -1.115  1.00 1.00 ? 12 G   A OP1   1 
ATOM   160 O OP2   . G   A 1 8  ? 16.195 6.345  -1.293  1.00 1.00 ? 12 G   A OP2   1 
ATOM   161 O "O5'" . G   A 1 8  ? 15.577 3.930  -1.076  1.00 1.00 ? 12 G   A "O5'" 1 
ATOM   162 C "C5'" . G   A 1 8  ? 15.834 2.549  -0.804  1.00 1.00 ? 12 G   A "C5'" 1 
ATOM   163 C "C4'" . G   A 1 8  ? 14.662 1.662  -1.217  1.00 1.00 ? 12 G   A "C4'" 1 
ATOM   164 O "O4'" . G   A 1 8  ? 13.516 1.873  -0.358  1.00 1.00 ? 12 G   A "O4'" 1 
ATOM   165 C "C3'" . G   A 1 8  ? 14.224 1.957  -2.653  1.00 1.00 ? 12 G   A "C3'" 1 
ATOM   166 O "O3'" . G   A 1 8  ? 14.384 0.788  -3.478  1.00 1.00 ? 12 G   A "O3'" 1 
ATOM   167 C "C2'" . G   A 1 8  ? 12.772 2.358  -2.550  1.00 1.00 ? 12 G   A "C2'" 1 
ATOM   168 O "O2'" . G   A 1 8  ? 11.977 1.742  -3.558  1.00 1.00 ? 12 G   A "O2'" 1 
ATOM   169 C "C1'" . G   A 1 8  ? 12.336 1.907  -1.175  1.00 1.00 ? 12 G   A "C1'" 1 
ATOM   170 N N9    . G   A 1 8  ? 11.277 2.779  -0.628  1.00 1.00 ? 12 G   A N9    1 
ATOM   171 C C8    . G   A 1 8  ? 11.089 4.115  -0.757  1.00 1.00 ? 12 G   A C8    1 
ATOM   172 N N7    . G   A 1 8  ? 10.000 4.615  -0.271  1.00 1.00 ? 12 G   A N7    1 
ATOM   173 C C5    . G   A 1 8  ? 9.375  3.479  0.255   1.00 1.00 ? 12 G   A C5    1 
ATOM   174 C C6    . G   A 1 8  ? 8.128  3.351  0.927   1.00 1.00 ? 12 G   A C6    1 
ATOM   175 O O6    . G   A 1 8  ? 7.310  4.227  1.175   1.00 1.00 ? 12 G   A O6    1 
ATOM   176 N N1    . G   A 1 8  ? 7.878  2.032  1.294   1.00 1.00 ? 12 G   A N1    1 
ATOM   177 C C2    . G   A 1 8  ? 8.719  0.976  1.045   1.00 1.00 ? 12 G   A C2    1 
ATOM   178 N N2    . G   A 1 8  ? 8.316  -0.200 1.499   1.00 1.00 ? 12 G   A N2    1 
ATOM   179 N N3    . G   A 1 8  ? 9.887  1.083  0.410   1.00 1.00 ? 12 G   A N3    1 
ATOM   180 C C4    . G   A 1 8  ? 10.153 2.356  0.044   1.00 1.00 ? 12 G   A C4    1 
ATOM   181 P P     . U   A 1 9  ? 14.129 0.831  -5.074  1.00 1.00 ? 13 U   A P     1 
ATOM   182 O OP1   . U   A 1 9  ? 15.329 0.282  -5.743  1.00 1.00 ? 13 U   A OP1   1 
ATOM   183 O OP2   . U   A 1 9  ? 13.640 2.181  -5.440  1.00 1.00 ? 13 U   A OP2   1 
ATOM   184 O "O5'" . U   A 1 9  ? 12.920 -0.227 -5.262  1.00 1.00 ? 13 U   A "O5'" 1 
ATOM   185 C "C5'" . U   A 1 9  ? 11.587 0.202  -5.586  1.00 1.00 ? 13 U   A "C5'" 1 
ATOM   186 C "C4'" . U   A 1 9  ? 10.536 -0.614 -4.826  1.00 1.00 ? 13 U   A "C4'" 1 
ATOM   187 O "O4'" . U   A 1 9  ? 10.292 -0.061 -3.513  1.00 1.00 ? 13 U   A "O4'" 1 
ATOM   188 C "C3'" . U   A 1 9  ? 9.207  -0.634 -5.564  1.00 1.00 ? 13 U   A "C3'" 1 
ATOM   189 O "O3'" . U   A 1 9  ? 9.035  -1.854 -6.296  1.00 1.00 ? 13 U   A "O3'" 1 
ATOM   190 C "C2'" . U   A 1 9  ? 8.149  -0.482 -4.497  1.00 1.00 ? 13 U   A "C2'" 1 
ATOM   191 O "O2'" . U   A 1 9  ? 7.532  -1.740 -4.205  1.00 1.00 ? 13 U   A "O2'" 1 
ATOM   192 C "C1'" . U   A 1 9  ? 8.870  0.059  -3.276  1.00 1.00 ? 13 U   A "C1'" 1 
ATOM   193 N N1    . U   A 1 9  ? 8.482  1.471  -3.020  1.00 1.00 ? 13 U   A N1    1 
ATOM   194 C C2    . U   A 1 9  ? 7.247  1.701  -2.431  1.00 1.00 ? 13 U   A C2    1 
ATOM   195 O O2    . U   A 1 9  ? 6.473  0.788  -2.143  1.00 1.00 ? 13 U   A O2    1 
ATOM   196 N N3    . U   A 1 9  ? 6.929  3.024  -2.190  1.00 1.00 ? 13 U   A N3    1 
ATOM   197 C C4    . U   A 1 9  ? 7.716  4.113  -2.471  1.00 1.00 ? 13 U   A C4    1 
ATOM   198 O O4    . U   A 1 9  ? 7.345  5.233  -2.167  1.00 1.00 ? 13 U   A O4    1 
ATOM   199 C C5    . U   A 1 9  ? 8.974  3.797  -3.087  1.00 1.00 ? 13 U   A C5    1 
ATOM   200 C C6    . U   A 1 9  ? 9.321  2.509  -3.339  1.00 1.00 ? 13 U   A C6    1 
ATOM   201 P P     . G   A 1 10 ? 8.383  -1.836 -7.771  1.00 1.00 ? 14 G   A P     1 
ATOM   202 O OP1   . G   A 1 10 ? 8.127  -3.234 -8.181  1.00 1.00 ? 14 G   A OP1   1 
ATOM   203 O OP2   . G   A 1 10 ? 9.209  -0.956 -8.630  1.00 1.00 ? 14 G   A OP2   1 
ATOM   204 O "O5'" . G   A 1 10 ? 6.966  -1.109 -7.524  1.00 1.00 ? 14 G   A "O5'" 1 
ATOM   205 C "C5'" . G   A 1 10 ? 5.885  -1.810 -6.897  1.00 1.00 ? 14 G   A "C5'" 1 
ATOM   206 C "C4'" . G   A 1 10 ? 4.701  -0.890 -6.608  1.00 1.00 ? 14 G   A "C4'" 1 
ATOM   207 O "O4'" . G   A 1 10 ? 5.002  0.028  -5.537  1.00 1.00 ? 14 G   A "O4'" 1 
ATOM   208 C "C3'" . G   A 1 10 ? 4.333  -0.067 -7.830  1.00 1.00 ? 14 G   A "C3'" 1 
ATOM   209 O "O3'" . G   A 1 10 ? 3.177  -0.598 -8.487  1.00 1.00 ? 14 G   A "O3'" 1 
ATOM   210 C "C2'" . G   A 1 10 ? 4.080  1.333  -7.326  1.00 1.00 ? 14 G   A "C2'" 1 
ATOM   211 O "O2'" . G   A 1 10 ? 2.694  1.673  -7.423  1.00 1.00 ? 14 G   A "O2'" 1 
ATOM   212 C "C1'" . G   A 1 10 ? 4.538  1.353  -5.877  1.00 1.00 ? 14 G   A "C1'" 1 
ATOM   213 N N9    . G   A 1 10 ? 5.601  2.351  -5.689  1.00 1.00 ? 14 G   A N9    1 
ATOM   214 C C8    . G   A 1 10 ? 6.918  2.243  -5.930  1.00 1.00 ? 14 G   A C8    1 
ATOM   215 N N7    . G   A 1 10 ? 7.662  3.269  -5.713  1.00 1.00 ? 14 G   A N7    1 
ATOM   216 C C5    . G   A 1 10 ? 6.728  4.197  -5.258  1.00 1.00 ? 14 G   A C5    1 
ATOM   217 C C6    . G   A 1 10 ? 6.915  5.536  -4.841  1.00 1.00 ? 14 G   A C6    1 
ATOM   218 O O6    . G   A 1 10 ? 7.959  6.179  -4.794  1.00 1.00 ? 14 G   A O6    1 
ATOM   219 N N1    . G   A 1 10 ? 5.720  6.115  -4.451  1.00 1.00 ? 14 G   A N1    1 
ATOM   220 C C2    . G   A 1 10 ? 4.486  5.491  -4.467  1.00 1.00 ? 14 G   A C2    1 
ATOM   221 N N2    . G   A 1 10 ? 3.445  6.223  -4.075  1.00 1.00 ? 14 G   A N2    1 
ATOM   222 N N3    . G   A 1 10 ? 4.302  4.228  -4.860  1.00 1.00 ? 14 G   A N3    1 
ATOM   223 C C4    . G   A 1 10 ? 5.459  3.642  -5.240  1.00 1.00 ? 14 G   A C4    1 
ATOM   224 P P     . U   A 1 11 ? 2.915  -0.293 -10.047 1.00 1.00 ? 15 U   A P     1 
ATOM   225 O OP1   . U   A 1 11 ? 1.858  -1.211 -10.526 1.00 1.00 ? 15 U   A OP1   1 
ATOM   226 O OP2   . U   A 1 11 ? 4.223  -0.251 -10.739 1.00 1.00 ? 15 U   A OP2   1 
ATOM   227 O "O5'" . U   A 1 11 ? 2.316  1.203  -10.017 1.00 1.00 ? 15 U   A "O5'" 1 
ATOM   228 C "C5'" . U   A 1 11 ? 1.168  1.546  -10.800 1.00 1.00 ? 15 U   A "C5'" 1 
ATOM   229 C "C4'" . U   A 1 11 ? 0.455  2.788  -10.258 1.00 1.00 ? 15 U   A "C4'" 1 
ATOM   230 O "O4'" . U   A 1 11 ? 1.068  3.253  -9.038  1.00 1.00 ? 15 U   A "O4'" 1 
ATOM   231 C "C3'" . U   A 1 11 ? 0.491  3.928  -11.267 1.00 1.00 ? 15 U   A "C3'" 1 
ATOM   232 O "O3'" . U   A 1 11 ? -0.810 4.166  -11.814 1.00 1.00 ? 15 U   A "O3'" 1 
ATOM   233 C "C2'" . U   A 1 11 ? 0.995  5.139  -10.520 1.00 1.00 ? 15 U   A "C2'" 1 
ATOM   234 O "O2'" . U   A 1 11 ? 0.018  6.186  -10.527 1.00 1.00 ? 15 U   A "O2'" 1 
ATOM   235 C "C1'" . U   A 1 11 ? 1.280  4.679  -9.098  1.00 1.00 ? 15 U   A "C1'" 1 
ATOM   236 N N1    . U   A 1 11 ? 2.661  5.033  -8.694  1.00 1.00 ? 15 U   A N1    1 
ATOM   237 C C2    . U   A 1 11 ? 2.852  6.263  -8.086  1.00 1.00 ? 15 U   A C2    1 
ATOM   238 O O2    . U   A 1 11 ? 1.924  7.044  -7.877  1.00 1.00 ? 15 U   A O2    1 
ATOM   239 N N3    . U   A 1 11 ? 4.151  6.569  -7.727  1.00 1.00 ? 15 U   A N3    1 
ATOM   240 C C4    . U   A 1 11 ? 5.262  5.769  -7.921  1.00 1.00 ? 15 U   A C4    1 
ATOM   241 O O4    . U   A 1 11 ? 6.377  6.152  -7.573  1.00 1.00 ? 15 U   A O4    1 
ATOM   242 C C5    . U   A 1 11 ? 4.974  4.504  -8.558  1.00 1.00 ? 15 U   A C5    1 
ATOM   243 C C6    . U   A 1 11 ? 3.709  4.179  -8.921  1.00 1.00 ? 15 U   A C6    1 
ATOM   244 P P     . A   B 2 1  ? 7.223  18.675 -8.048  1.00 1.00 ? 27 A   B P     1 
ATOM   245 O OP1   . A   B 2 1  ? 7.764  19.644 -9.042  1.00 1.00 ? 27 A   B OP1   1 
ATOM   246 O OP2   . A   B 2 1  ? 8.239  17.613 -7.747  1.00 1.00 ? 27 A   B OP2   1 
ATOM   247 O "O5'" . A   B 2 1  ? 5.955  17.890 -8.599  1.00 1.00 ? 27 A   B "O5'" 1 
ATOM   248 C "C5'" . A   B 2 1  ? 5.306  16.919 -7.773  1.00 1.00 ? 27 A   B "C5'" 1 
ATOM   249 C "C4'" . A   B 2 1  ? 4.116  16.283 -8.486  1.00 1.00 ? 27 A   B "C4'" 1 
ATOM   250 O "O4'" . A   B 2 1  ? 4.558  15.442 -9.571  1.00 1.00 ? 27 A   B "O4'" 1 
ATOM   251 C "C3'" . A   B 2 1  ? 3.306  15.426 -7.527  1.00 1.00 ? 27 A   B "C3'" 1 
ATOM   252 O "O3'" . A   B 2 1  ? 2.057  16.047 -7.199  1.00 1.00 ? 27 A   B "O3'" 1 
ATOM   253 C "C2'" . A   B 2 1  ? 3.092  14.106 -8.224  1.00 1.00 ? 27 A   B "C2'" 1 
ATOM   254 O "O2'" . A   B 2 1  ? 1.729  13.956 -8.636  1.00 1.00 ? 27 A   B "O2'" 1 
ATOM   255 C "C1'" . A   B 2 1  ? 4.020  14.109 -9.428  1.00 1.00 ? 27 A   B "C1'" 1 
ATOM   256 N N9    . A   B 2 1  ? 5.102  13.121 -9.244  1.00 1.00 ? 27 A   B N9    1 
ATOM   257 C C8    . A   B 2 1  ? 6.442  13.259 -9.400  1.00 1.00 ? 27 A   B C8    1 
ATOM   258 N N7    . A   B 2 1  ? 7.182  12.231 -9.144  1.00 1.00 ? 27 A   B N7    1 
ATOM   259 C C5    . A   B 2 1  ? 6.225  11.281 -8.770  1.00 1.00 ? 27 A   B C5    1 
ATOM   260 C C6    . A   B 2 1  ? 6.323  9.945  -8.363  1.00 1.00 ? 27 A   B C6    1 
ATOM   261 N N6    . A   B 2 1  ? 7.483  9.298  -8.255  1.00 1.00 ? 27 A   B N6    1 
ATOM   262 N N1    . A   B 2 1  ? 5.179  9.303  -8.070  1.00 1.00 ? 27 A   B N1    1 
ATOM   263 C C2    . A   B 2 1  ? 4.007  9.932  -8.167  1.00 1.00 ? 27 A   B C2    1 
ATOM   264 N N3    . A   B 2 1  ? 3.800  11.191 -8.539  1.00 1.00 ? 27 A   B N3    1 
ATOM   265 C C4    . A   B 2 1  ? 4.959  11.814 -8.829  1.00 1.00 ? 27 A   B C4    1 
ATOM   266 P P     . C   B 2 2  ? 1.259  15.629 -5.860  1.00 1.00 ? 28 C   B P     1 
ATOM   267 O OP1   . C   B 2 2  ? 0.251  14.608 -6.224  1.00 1.00 ? 28 C   B OP1   1 
ATOM   268 O OP2   . C   B 2 2  ? 0.838  16.866 -5.169  1.00 1.00 ? 28 C   B OP2   1 
ATOM   269 O "O5'" . C   B 2 2  ? 2.402  14.917 -4.967  1.00 1.00 ? 28 C   B "O5'" 1 
ATOM   270 C "C5'" . C   B 2 2  ? 2.693  13.521 -5.115  1.00 1.00 ? 28 C   B "C5'" 1 
ATOM   271 C "C4'" . C   B 2 2  ? 2.522  12.769 -3.799  1.00 1.00 ? 28 C   B "C4'" 1 
ATOM   272 O "O4'" . C   B 2 2  ? 2.946  11.395 -3.925  1.00 1.00 ? 28 C   B "O4'" 1 
ATOM   273 C "C3'" . C   B 2 2  ? 3.347  13.404 -2.697  1.00 1.00 ? 28 C   B "C3'" 1 
ATOM   274 O "O3'" . C   B 2 2  ? 2.546  14.246 -1.858  1.00 1.00 ? 28 C   B "O3'" 1 
ATOM   275 C "C2'" . C   B 2 2  ? 3.931  12.257 -1.918  1.00 1.00 ? 28 C   B "C2'" 1 
ATOM   276 O "O2'" . C   B 2 2  ? 3.208  12.070 -0.701  1.00 1.00 ? 28 C   B "O2'" 1 
ATOM   277 C "C1'" . C   B 2 2  ? 3.791  11.026 -2.810  1.00 1.00 ? 28 C   B "C1'" 1 
ATOM   278 N N1    . C   B 2 2  ? 5.098  10.485 -3.310  1.00 1.00 ? 28 C   B N1    1 
ATOM   279 C C2    . C   B 2 2  ? 5.021  9.352  -4.118  1.00 1.00 ? 28 C   B C2    1 
ATOM   280 O O2    . C   B 2 2  ? 3.933  8.842  -4.370  1.00 1.00 ? 28 C   B O2    1 
ATOM   281 N N3    . C   B 2 2  ? 6.172  8.823  -4.606  1.00 1.00 ? 28 C   B N3    1 
ATOM   282 C C4    . C   B 2 2  ? 7.358  9.367  -4.327  1.00 1.00 ? 28 C   B C4    1 
ATOM   283 N N4    . C   B 2 2  ? 8.458  8.816  -4.837  1.00 1.00 ? 28 C   B N4    1 
ATOM   284 C C5    . C   B 2 2  ? 7.460  10.526 -3.502  1.00 1.00 ? 28 C   B C5    1 
ATOM   285 C C6    . C   B 2 2  ? 6.321  11.055 -3.015  1.00 1.00 ? 28 C   B C6    1 
ATOM   286 P P     . G   B 2 3  ? 3.244  15.235 -0.793  1.00 1.00 ? 29 G   B P     1 
ATOM   287 O OP1   . G   B 2 3  ? 2.582  15.047 0.518   1.00 1.00 ? 29 G   B OP1   1 
ATOM   288 O OP2   . G   B 2 3  ? 3.317  16.585 -1.396  1.00 1.00 ? 29 G   B OP2   1 
ATOM   289 O "O5'" . G   B 2 3  ? 4.745  14.644 -0.697  1.00 1.00 ? 29 G   B "O5'" 1 
ATOM   290 C "C5'" . G   B 2 3  ? 5.426  14.543 0.558   1.00 1.00 ? 29 G   B "C5'" 1 
ATOM   291 C "C4'" . G   B 2 3  ? 4.891  13.389 1.408   1.00 1.00 ? 29 G   B "C4'" 1 
ATOM   292 O "O4'" . G   B 2 3  ? 5.175  12.114 0.789   1.00 1.00 ? 29 G   B "O4'" 1 
ATOM   293 C "C3'" . G   B 2 3  ? 5.552  13.387 2.788   1.00 1.00 ? 29 G   B "C3'" 1 
ATOM   294 O "O3'" . G   B 2 3  ? 4.588  13.226 3.852   1.00 1.00 ? 29 G   B "O3'" 1 
ATOM   295 C "C2'" . G   B 2 3  ? 6.492  12.209 2.765   1.00 1.00 ? 29 G   B "C2'" 1 
ATOM   296 O "O2'" . G   B 2 3  ? 6.548  11.559 4.037   1.00 1.00 ? 29 G   B "O2'" 1 
ATOM   297 C "C1'" . G   B 2 3  ? 5.928  11.291 1.701   1.00 1.00 ? 29 G   B "C1'" 1 
ATOM   298 N N9    . G   B 2 3  ? 6.974  10.530 0.993   1.00 1.00 ? 29 G   B N9    1 
ATOM   299 C C8    . G   B 2 3  ? 8.325  10.568 1.106   1.00 1.00 ? 29 G   B C8    1 
ATOM   300 N N7    . G   B 2 3  ? 9.008  9.719  0.414   1.00 1.00 ? 29 G   B N7    1 
ATOM   301 C C5    . G   B 2 3  ? 7.997  9.019  -0.253  1.00 1.00 ? 29 G   B C5    1 
ATOM   302 C C6    . G   B 2 3  ? 8.089  7.939  -1.173  1.00 1.00 ? 29 G   B C6    1 
ATOM   303 O O6    . G   B 2 3  ? 9.099  7.377  -1.590  1.00 1.00 ? 29 G   B O6    1 
ATOM   304 N N1    . G   B 2 3  ? 6.831  7.531  -1.603  1.00 1.00 ? 29 G   B N1    1 
ATOM   305 C C2    . G   B 2 3  ? 5.638  8.093  -1.210  1.00 1.00 ? 29 G   B C2    1 
ATOM   306 N N2    . G   B 2 3  ? 4.543  7.596  -1.776  1.00 1.00 ? 29 G   B N2    1 
ATOM   307 N N3    . G   B 2 3  ? 5.544  9.102  -0.344  1.00 1.00 ? 29 G   B N3    1 
ATOM   308 C C4    . G   B 2 3  ? 6.753  9.515  0.094   1.00 1.00 ? 29 G   B C4    1 
ATOM   309 P P     . G   B 2 4  ? 3.088  13.827 3.767   1.00 1.00 ? 30 G   B P     1 
ATOM   310 O OP1   . G   B 2 4  ? 3.177  15.238 3.330   1.00 1.00 ? 30 G   B OP1   1 
ATOM   311 O OP2   . G   B 2 4  ? 2.380  13.487 5.021   1.00 1.00 ? 30 G   B OP2   1 
ATOM   312 O "O5'" . G   B 2 4  ? 2.429  12.967 2.569   1.00 1.00 ? 30 G   B "O5'" 1 
ATOM   313 C "C5'" . G   B 2 4  ? 2.161  11.567 2.720   1.00 1.00 ? 30 G   B "C5'" 1 
ATOM   314 C "C4'" . G   B 2 4  ? 1.530  10.981 1.454   1.00 1.00 ? 30 G   B "C4'" 1 
ATOM   315 O "O4'" . G   B 2 4  ? 2.492  10.215 0.704   1.00 1.00 ? 30 G   B "O4'" 1 
ATOM   316 C "C3'" . G   B 2 4  ? 0.360  10.067 1.788   1.00 1.00 ? 30 G   B "C3'" 1 
ATOM   317 O "O3'" . G   B 2 4  ? -0.878 10.663 1.385   1.00 1.00 ? 30 G   B "O3'" 1 
ATOM   318 C "C2'" . G   B 2 4  ? 0.608  8.771  1.050   1.00 1.00 ? 30 G   B "C2'" 1 
ATOM   319 O "O2'" . G   B 2 4  ? -0.424 8.514  0.091   1.00 1.00 ? 30 G   B "O2'" 1 
ATOM   320 C "C1'" . G   B 2 4  ? 1.952  8.922  0.355   1.00 1.00 ? 30 G   B "C1'" 1 
ATOM   321 N N9    . G   B 2 4  ? 2.880  7.846  0.757   1.00 1.00 ? 30 G   B N9    1 
ATOM   322 C C8    . G   B 2 4  ? 3.103  6.626  0.197   1.00 1.00 ? 30 G   B C8    1 
ATOM   323 N N7    . G   B 2 4  ? 3.971  5.866  0.763   1.00 1.00 ? 30 G   B N7    1 
ATOM   324 C C5    . G   B 2 4  ? 4.399  6.657  1.829   1.00 1.00 ? 30 G   B C5    1 
ATOM   325 C C6    . G   B 2 4  ? 5.362  6.381  2.829   1.00 1.00 ? 30 G   B C6    1 
ATOM   326 O O6    . G   B 2 4  ? 6.010  5.354  2.998   1.00 1.00 ? 30 G   B O6    1 
ATOM   327 N N1    . G   B 2 4  ? 5.506  7.444  3.704   1.00 1.00 ? 30 G   B N1    1 
ATOM   328 C C2    . G   B 2 4  ? 4.801  8.626  3.639   1.00 1.00 ? 30 G   B C2    1 
ATOM   329 N N2    . G   B 2 4  ? 5.081  9.530  4.574   1.00 1.00 ? 30 G   B N2    1 
ATOM   330 N N3    . G   B 2 4  ? 3.887  8.892  2.703   1.00 1.00 ? 30 G   B N3    1 
ATOM   331 C C4    . G   B 2 4  ? 3.738  7.871  1.833   1.00 1.00 ? 30 G   B C4    1 
ATOM   332 P P     . U   B 2 5  ? -1.789 11.459 2.447   1.00 1.00 ? 31 U   B P     1 
ATOM   333 O OP1   . U   B 2 5  ? -2.188 12.746 1.837   1.00 1.00 ? 31 U   B OP1   1 
ATOM   334 O OP2   . U   B 2 5  ? -1.099 11.448 3.758   1.00 1.00 ? 31 U   B OP2   1 
ATOM   335 O "O5'" . U   B 2 5  ? -3.098 10.526 2.556   1.00 1.00 ? 31 U   B "O5'" 1 
ATOM   336 C "C5'" . U   B 2 5  ? -2.974 9.105  2.693   1.00 1.00 ? 31 U   B "C5'" 1 
ATOM   337 C "C4'" . U   B 2 5  ? -3.715 8.366  1.581   1.00 1.00 ? 31 U   B "C4'" 1 
ATOM   338 O "O4'" . U   B 2 5  ? -2.796 7.937  0.560   1.00 1.00 ? 31 U   B "O4'" 1 
ATOM   339 C "C3'" . U   B 2 5  ? -4.434 7.139  2.116   1.00 1.00 ? 31 U   B "C3'" 1 
ATOM   340 O "O3'" . U   B 2 5  ? -5.856 7.325  2.070   1.00 1.00 ? 31 U   B "O3'" 1 
ATOM   341 C "C2'" . U   B 2 5  ? -4.004 5.984  1.245   1.00 1.00 ? 31 U   B "C2'" 1 
ATOM   342 O "O2'" . U   B 2 5  ? -5.131 5.412  0.579   1.00 1.00 ? 31 U   B "O2'" 1 
ATOM   343 C "C1'" . U   B 2 5  ? -3.013 6.551  0.235   1.00 1.00 ? 31 U   B "C1'" 1 
ATOM   344 N N1    . U   B 2 5  ? -1.733 5.804  0.233   1.00 1.00 ? 31 U   B N1    1 
ATOM   345 C C2    . U   B 2 5  ? -1.201 5.462  -0.999  1.00 1.00 ? 31 U   B C2    1 
ATOM   346 O O2    . U   B 2 5  ? -1.767 5.731  -2.055  1.00 1.00 ? 31 U   B O2    1 
ATOM   347 N N3    . U   B 2 5  ? 0.006  4.792  -0.974  1.00 1.00 ? 31 U   B N3    1 
ATOM   348 C C4    . U   B 2 5  ? 0.717  4.437  0.154   1.00 1.00 ? 31 U   B C4    1 
ATOM   349 O O4    . U   B 2 5  ? 1.794  3.868  0.056   1.00 1.00 ? 31 U   B O4    1 
ATOM   350 C C5    . U   B 2 5  ? 0.089  4.822  1.393   1.00 1.00 ? 31 U   B C5    1 
ATOM   351 C C6    . U   B 2 5  ? -1.094 5.480  1.397   1.00 1.00 ? 31 U   B C6    1 
ATOM   352 P P     . U   B 2 6  ? -6.815 6.563  3.117   1.00 1.00 ? 32 U   B P     1 
ATOM   353 O OP1   . U   B 2 6  ? -8.212 6.971  2.848   1.00 1.00 ? 32 U   B OP1   1 
ATOM   354 O OP2   . U   B 2 6  ? -6.247 6.731  4.474   1.00 1.00 ? 32 U   B OP2   1 
ATOM   355 O "O5'" . U   B 2 6  ? -6.650 5.020  2.686   1.00 1.00 ? 32 U   B "O5'" 1 
ATOM   356 C "C5'" . U   B 2 6  ? -6.708 3.978  3.663   1.00 1.00 ? 32 U   B "C5'" 1 
ATOM   357 C "C4'" . U   B 2 6  ? -7.300 2.691  3.086   1.00 1.00 ? 32 U   B "C4'" 1 
ATOM   358 O "O4'" . U   B 2 6  ? -7.500 2.800  1.662   1.00 1.00 ? 32 U   B "O4'" 1 
ATOM   359 C "C3'" . U   B 2 6  ? -6.393 1.498  3.344   1.00 1.00 ? 32 U   B "C3'" 1 
ATOM   360 O "O3'" . U   B 2 6  ? -7.001 0.591  4.276   1.00 1.00 ? 32 U   B "O3'" 1 
ATOM   361 C "C2'" . U   B 2 6  ? -6.185 0.832  2.000   1.00 1.00 ? 32 U   B "C2'" 1 
ATOM   362 O "O2'" . U   B 2 6  ? -6.596 -0.532 2.046   1.00 1.00 ? 32 U   B "O2'" 1 
ATOM   363 C "C1'" . U   B 2 6  ? -7.012 1.615  1.002   1.00 1.00 ? 32 U   B "C1'" 1 
ATOM   364 N N1    . U   B 2 6  ? -6.220 1.955  -0.198  1.00 1.00 ? 32 U   B N1    1 
ATOM   365 C C2    . U   B 2 6  ? -6.421 1.191  -1.336  1.00 1.00 ? 32 U   B C2    1 
ATOM   366 O O2    . U   B 2 6  ? -7.206 0.244  -1.364  1.00 1.00 ? 32 U   B O2    1 
ATOM   367 N N3    . U   B 2 6  ? -5.680 1.551  -2.447  1.00 1.00 ? 32 U   B N3    1 
ATOM   368 C C4    . U   B 2 6  ? -4.771 2.593  -2.517  1.00 1.00 ? 32 U   B C4    1 
ATOM   369 O O4    . U   B 2 6  ? -4.171 2.827  -3.562  1.00 1.00 ? 32 U   B O4    1 
ATOM   370 C C5    . U   B 2 6  ? -4.624 3.331  -1.283  1.00 1.00 ? 32 U   B C5    1 
ATOM   371 C C6    . U   B 2 6  ? -5.341 2.996  -0.183  1.00 1.00 ? 32 U   B C6    1 
ATOM   372 P P     . A   B 2 7  ? -6.171 0.012  5.533   1.00 1.00 ? 33 A   B P     1 
ATOM   373 O OP1   . A   B 2 7  ? -6.738 -1.309 5.892   1.00 1.00 ? 33 A   B OP1   1 
ATOM   374 O OP2   . A   B 2 7  ? -6.074 1.077  6.557   1.00 1.00 ? 33 A   B OP2   1 
ATOM   375 O "O5'" . A   B 2 7  ? -4.703 -0.222 4.914   1.00 1.00 ? 33 A   B "O5'" 1 
ATOM   376 C "C5'" . A   B 2 7  ? -4.428 -1.369 4.099   1.00 1.00 ? 33 A   B "C5'" 1 
ATOM   377 C "C4'" . A   B 2 7  ? -2.937 -1.536 3.848   1.00 1.00 ? 33 A   B "C4'" 1 
ATOM   378 O "O4'" . A   B 2 7  ? -2.491 -0.666 2.780   1.00 1.00 ? 33 A   B "O4'" 1 
ATOM   379 C "C3'" . A   B 2 7  ? -2.136 -1.189 5.090   1.00 1.00 ? 33 A   B "C3'" 1 
ATOM   380 O "O3'" . A   B 2 7  ? -1.692 -2.364 5.779   1.00 1.00 ? 33 A   B "O3'" 1 
ATOM   381 C "C2'" . A   B 2 7  ? -0.981 -0.369 4.595   1.00 1.00 ? 33 A   B "C2'" 1 
ATOM   382 O "O2'" . A   B 2 7  ? 0.185  -1.180 4.441   1.00 1.00 ? 33 A   B "O2'" 1 
ATOM   383 C "C1'" . A   B 2 7  ? -1.422 0.185  3.256   1.00 1.00 ? 33 A   B "C1'" 1 
ATOM   384 N N9    . A   B 2 7  ? -1.894 1.575  3.424   1.00 1.00 ? 33 A   B N9    1 
ATOM   385 C C8    . A   B 2 7  ? -3.123 2.108  3.211   1.00 1.00 ? 33 A   B C8    1 
ATOM   386 N N7    . A   B 2 7  ? -3.300 3.347  3.525   1.00 1.00 ? 33 A   B N7    1 
ATOM   387 C C5    . A   B 2 7  ? -2.035 3.698  4.008   1.00 1.00 ? 33 A   B C5    1 
ATOM   388 C C6    . A   B 2 7  ? -1.514 4.890  4.522   1.00 1.00 ? 33 A   B C6    1 
ATOM   389 N N6    . A   B 2 7  ? -2.228 6.008  4.642   1.00 1.00 ? 33 A   B N6    1 
ATOM   390 N N1    . A   B 2 7  ? -0.224 4.887  4.907   1.00 1.00 ? 33 A   B N1    1 
ATOM   391 C C2    . A   B 2 7  ? 0.510  3.778  4.796   1.00 1.00 ? 33 A   B C2    1 
ATOM   392 N N3    . A   B 2 7  ? 0.121  2.603  4.327   1.00 1.00 ? 33 A   B N3    1 
ATOM   393 C C4    . A   B 2 7  ? -1.173 2.628  3.947   1.00 1.00 ? 33 A   B C4    1 
ATOM   394 P P     . G   B 2 8  ? -2.429 -2.841 7.133   1.00 1.00 ? 34 G   B P     1 
ATOM   395 O OP1   . G   B 2 8  ? -2.465 -4.320 7.135   1.00 1.00 ? 34 G   B OP1   1 
ATOM   396 O OP2   . G   B 2 8  ? -3.690 -2.078 7.269   1.00 1.00 ? 34 G   B OP2   1 
ATOM   397 O "O5'" . G   B 2 8  ? -1.425 -2.363 8.310   1.00 1.00 ? 34 G   B "O5'" 1 
ATOM   398 C "C5'" . G   B 2 8  ? -0.274 -1.548 8.041   1.00 1.00 ? 34 G   B "C5'" 1 
ATOM   399 C "C4'" . G   B 2 8  ? 0.698  -2.250 7.101   1.00 1.00 ? 34 G   B "C4'" 1 
ATOM   400 O "O4'" . G   B 2 8  ? 1.589  -1.313 6.483   1.00 1.00 ? 34 G   B "O4'" 1 
ATOM   401 C "C3'" . G   B 2 8  ? 1.526  -3.290 7.827   1.00 1.00 ? 34 G   B "C3'" 1 
ATOM   402 O "O3'" . G   B 2 8  ? 0.951  -4.593 7.554   1.00 1.00 ? 34 G   B "O3'" 1 
ATOM   403 C "C2'" . G   B 2 8  ? 2.966  -3.070 7.348   1.00 1.00 ? 34 G   B "C2'" 1 
ATOM   404 O "O2'" . G   B 2 8  ? 3.461  -4.113 6.517   1.00 1.00 ? 34 G   B "O2'" 1 
ATOM   405 C "C1'" . G   B 2 8  ? 2.952  -1.772 6.555   1.00 1.00 ? 34 G   B "C1'" 1 
ATOM   406 N N9    . G   B 2 8  ? 3.800  -0.740 7.192   1.00 1.00 ? 34 G   B N9    1 
ATOM   407 C C8    . G   B 2 8  ? 3.529  0.570  7.427   1.00 1.00 ? 34 G   B C8    1 
ATOM   408 N N7    . G   B 2 8  ? 4.430  1.276  8.008   1.00 1.00 ? 34 G   B N7    1 
ATOM   409 C C5    . G   B 2 8  ? 5.447  0.343  8.190   1.00 1.00 ? 34 G   B C5    1 
ATOM   410 C C6    . G   B 2 8  ? 6.721  0.513  8.773   1.00 1.00 ? 34 G   B C6    1 
ATOM   411 O O6    . G   B 2 8  ? 7.197  1.528  9.267   1.00 1.00 ? 34 G   B O6    1 
ATOM   412 N N1    . G   B 2 8  ? 7.454  -0.664 8.751   1.00 1.00 ? 34 G   B N1    1 
ATOM   413 C C2    . G   B 2 8  ? 7.010  -1.868 8.238   1.00 1.00 ? 34 G   B C2    1 
ATOM   414 N N2    . G   B 2 8  ? 7.861  -2.891 8.313   1.00 1.00 ? 34 G   B N2    1 
ATOM   415 N N3    . G   B 2 8  ? 5.801  -2.039 7.688   1.00 1.00 ? 34 G   B N3    1 
ATOM   416 C C4    . G   B 2 8  ? 5.075  -0.898 7.693   1.00 1.00 ? 34 G   B C4    1 
ATOM   417 P P     . G   B 2 9  ? 1.777  -5.956 7.321   1.00 1.00 ? 35 G   B P     1 
ATOM   418 O OP1   . G   B 2 9  ? 0.875  -7.091 7.620   1.00 1.00 ? 35 G   B OP1   1 
ATOM   419 O OP2   . G   B 2 9  ? 3.081  -5.860 8.018   1.00 1.00 ? 35 G   B OP2   1 
ATOM   420 O "O5'" . G   B 2 9  ? 2.022  -5.922 5.725   1.00 1.00 ? 35 G   B "O5'" 1 
ATOM   421 C "C5'" . G   B 2 9  ? 1.516  -4.841 4.915   1.00 1.00 ? 35 G   B "C5'" 1 
ATOM   422 C "C4'" . G   B 2 9  ? 2.331  -4.684 3.637   1.00 1.00 ? 35 G   B "C4'" 1 
ATOM   423 O "O4'" . G   B 2 9  ? 2.369  -3.319 3.154   1.00 1.00 ? 35 G   B "O4'" 1 
ATOM   424 C "C3'" . G   B 2 9  ? 3.770  -5.089 3.872   1.00 1.00 ? 35 G   B "C3'" 1 
ATOM   425 O "O3'" . G   B 2 9  ? 3.989  -6.469 3.571   1.00 1.00 ? 35 G   B "O3'" 1 
ATOM   426 C "C2'" . G   B 2 9  ? 4.590  -4.184 2.989   1.00 1.00 ? 35 G   B "C2'" 1 
ATOM   427 O "O2'" . G   B 2 9  ? 5.189  -4.916 1.914   1.00 1.00 ? 35 G   B "O2'" 1 
ATOM   428 C "C1'" . G   B 2 9  ? 3.625  -3.141 2.465   1.00 1.00 ? 35 G   B "C1'" 1 
ATOM   429 N N9    . G   B 2 9  ? 4.208  -1.805 2.598   1.00 1.00 ? 35 G   B N9    1 
ATOM   430 C C8    . G   B 2 9  ? 5.344  -1.373 2.045   1.00 1.00 ? 35 G   B C8    1 
ATOM   431 N N7    . G   B 2 9  ? 5.723  -0.185 2.284   1.00 1.00 ? 35 G   B N7    1 
ATOM   432 C C5    . G   B 2 9  ? 4.716  0.264  3.107   1.00 1.00 ? 35 G   B C5    1 
ATOM   433 C C6    . G   B 2 9  ? 4.579  1.516  3.704   1.00 1.00 ? 35 G   B C6    1 
ATOM   434 O O6    . G   B 2 9  ? 5.358  2.461  3.635   1.00 1.00 ? 35 G   B O6    1 
ATOM   435 N N1    . G   B 2 9  ? 3.422  1.586  4.456   1.00 1.00 ? 35 G   B N1    1 
ATOM   436 C C2    . G   B 2 9  ? 2.512  0.568  4.607   1.00 1.00 ? 35 G   B C2    1 
ATOM   437 N N2    . G   B 2 9  ? 1.454  0.849  5.353   1.00 1.00 ? 35 G   B N2    1 
ATOM   438 N N3    . G   B 2 9  ? 2.642  -0.638 4.046   1.00 1.00 ? 35 G   B N3    1 
ATOM   439 C C4    . G   B 2 9  ? 3.763  -0.720 3.310   1.00 1.00 ? 35 G   B C4    1 
ATOM   440 P P     . U   B 2 10 ? 5.053  -7.313 4.435   1.00 1.00 ? 36 U   B P     1 
ATOM   441 O OP1   . U   B 2 10 ? 5.157  -8.669 3.849   1.00 1.00 ? 36 U   B OP1   1 
ATOM   442 O OP2   . U   B 2 10 ? 4.722  -7.152 5.869   1.00 1.00 ? 36 U   B OP2   1 
ATOM   443 O "O5'" . U   B 2 10 ? 6.430  -6.530 4.139   1.00 1.00 ? 36 U   B "O5'" 1 
ATOM   444 C "C5'" . U   B 2 10 ? 6.790  -5.357 4.879   1.00 1.00 ? 36 U   B "C5'" 1 
ATOM   445 C "C4'" . U   B 2 10 ? 7.889  -4.572 4.167   1.00 1.00 ? 36 U   B "C4'" 1 
ATOM   446 O "O4'" . U   B 2 10 ? 7.422  -3.336 3.582   1.00 1.00 ? 36 U   B "O4'" 1 
ATOM   447 C "C3'" . U   B 2 10 ? 8.958  -4.169 5.141   1.00 1.00 ? 36 U   B "C3'" 1 
ATOM   448 O "O3'" . U   B 2 10 ? 9.900  -5.216 5.390   1.00 1.00 ? 36 U   B "O3'" 1 
ATOM   449 C "C2'" . U   B 2 10 ? 9.604  -2.987 4.490   1.00 1.00 ? 36 U   B "C2'" 1 
ATOM   450 O "O2'" . U   B 2 10 ? 10.720 -3.380 3.684   1.00 1.00 ? 36 U   B "O2'" 1 
ATOM   451 C "C1'" . U   B 2 10 ? 8.510  -2.372 3.638   1.00 1.00 ? 36 U   B "C1'" 1 
ATOM   452 N N1    . U   B 2 10 ? 8.106  -1.076 4.235   1.00 1.00 ? 36 U   B N1    1 
ATOM   453 C C2    . U   B 2 10 ? 9.034  -0.044 4.197   1.00 1.00 ? 36 U   B C2    1 
ATOM   454 O O2    . U   B 2 10 ? 10.130 -0.161 3.651   1.00 1.00 ? 36 U   B O2    1 
ATOM   455 N N3    . U   B 2 10 ? 8.651  1.137  4.805   1.00 1.00 ? 36 U   B N3    1 
ATOM   456 C C4    . U   B 2 10 ? 7.437  1.378  5.419   1.00 1.00 ? 36 U   B C4    1 
ATOM   457 O O4    . U   B 2 10 ? 7.198  2.454  5.958   1.00 1.00 ? 36 U   B O4    1 
ATOM   458 C C5    . U   B 2 10 ? 6.543  0.258  5.395   1.00 1.00 ? 36 U   B C5    1 
ATOM   459 C C6    . U   B 2 10 ? 6.890  -0.906 4.835   1.00 1.00 ? 36 U   B C6    1 
ATOM   460 P P     . C   B 2 11 ? 10.788 -5.199 6.735   1.00 1.00 ? 37 C   B P     1 
ATOM   461 O OP1   . C   B 2 11 ? 11.668 -6.388 6.725   1.00 1.00 ? 37 C   B OP1   1 
ATOM   462 O OP2   . C   B 2 11 ? 9.886  -4.958 7.883   1.00 1.00 ? 37 C   B OP2   1 
ATOM   463 O "O5'" . C   B 2 11 ? 11.706 -3.889 6.530   1.00 1.00 ? 37 C   B "O5'" 1 
ATOM   464 C "C5'" . C   B 2 11 ? 12.788 -3.910 5.599   1.00 1.00 ? 37 C   B "C5'" 1 
ATOM   465 C "C4'" . C   B 2 11 ? 13.358 -2.517 5.336   1.00 1.00 ? 37 C   B "C4'" 1 
ATOM   466 O "O4'" . C   B 2 11 ? 12.324 -1.518 5.209   1.00 1.00 ? 37 C   B "O4'" 1 
ATOM   467 C "C3'" . C   B 2 11 ? 14.267 -2.061 6.464   1.00 1.00 ? 37 C   B "C3'" 1 
ATOM   468 O "O3'" . C   B 2 11 ? 15.641 -2.355 6.182   1.00 1.00 ? 37 C   B "O3'" 1 
ATOM   469 C "C2'" . C   B 2 11 ? 14.039 -0.572 6.581   1.00 1.00 ? 37 C   B "C2'" 1 
ATOM   470 O "O2'" . C   B 2 11 ? 15.185 0.160  6.139   1.00 1.00 ? 37 C   B "O2'" 1 
ATOM   471 C "C1'" . C   B 2 11 ? 12.839 -0.262 5.700   1.00 1.00 ? 37 C   B "C1'" 1 
ATOM   472 N N1    . C   B 2 11 ? 11.826 0.521  6.438   1.00 1.00 ? 37 C   B N1    1 
ATOM   473 C C2    . C   B 2 11 ? 12.199 1.789  6.866   1.00 1.00 ? 37 C   B C2    1 
ATOM   474 O O2    . C   B 2 11 ? 13.350 2.194  6.688   1.00 1.00 ? 37 C   B O2    1 
ATOM   475 N N3    . C   B 2 11 ? 11.262 2.561  7.472   1.00 1.00 ? 37 C   B N3    1 
ATOM   476 C C4    . C   B 2 11 ? 10.014 2.117  7.653   1.00 1.00 ? 37 C   B C4    1 
ATOM   477 N N4    . C   B 2 11 ? 9.115  2.919  8.222   1.00 1.00 ? 37 C   B N4    1 
ATOM   478 C C5    . C   B 2 11 ? 9.629  0.809  7.220   1.00 1.00 ? 37 C   B C5    1 
ATOM   479 C C6    . C   B 2 11 ? 10.560 0.051  6.628   1.00 1.00 ? 37 C   B C6    1 
ATOM   480 P P     . G   B 2 12 ? 16.687 -2.585 7.387   1.00 1.00 ? 38 G   B P     1 
ATOM   481 O OP1   . G   B 2 12 ? 18.052 -2.620 6.816   1.00 1.00 ? 38 G   B OP1   1 
ATOM   482 O OP2   . G   B 2 12 ? 16.204 -3.718 8.209   1.00 1.00 ? 38 G   B OP2   1 
ATOM   483 O "O5'" . G   B 2 12 ? 16.530 -1.233 8.253   1.00 1.00 ? 38 G   B "O5'" 1 
ATOM   484 C "C5'" . G   B 2 12 ? 17.169 -0.020 7.841   1.00 1.00 ? 38 G   B "C5'" 1 
ATOM   485 C "C4'" . G   B 2 12 ? 16.822 1.149  8.763   1.00 1.00 ? 38 G   B "C4'" 1 
ATOM   486 O "O4'" . G   B 2 12 ? 15.441 1.557  8.623   1.00 1.00 ? 38 G   B "O4'" 1 
ATOM   487 C "C3'" . G   B 2 12 ? 17.053 0.781  10.221  1.00 1.00 ? 38 G   B "C3'" 1 
ATOM   488 O "O3'" . G   B 2 12 ? 18.172 1.515  10.744  1.00 1.00 ? 38 G   B "O3'" 1 
ATOM   489 C "C2'" . G   B 2 12 ? 15.766 1.121  10.941  1.00 1.00 ? 38 G   B "C2'" 1 
ATOM   490 O "O2'" . G   B 2 12 ? 16.000 1.954  12.068  1.00 1.00 ? 38 G   B "O2'" 1 
ATOM   491 C "C1'" . G   B 2 12 ? 14.897 1.835  9.929   1.00 1.00 ? 38 G   B "C1'" 1 
ATOM   492 N N9    . G   B 2 12 ? 13.491 1.420  10.051  1.00 1.00 ? 38 G   B N9    1 
ATOM   493 C C8    . G   B 2 12 ? 12.918 0.200  9.925   1.00 1.00 ? 38 G   B C8    1 
ATOM   494 N N7    . G   B 2 12 ? 11.655 0.104  10.181  1.00 1.00 ? 38 G   B N7    1 
ATOM   495 C C5    . G   B 2 12 ? 11.334 1.426  10.517  1.00 1.00 ? 38 G   B C5    1 
ATOM   496 C C6    . G   B 2 12 ? 10.092 1.997  10.907  1.00 1.00 ? 38 G   B C6    1 
ATOM   497 O O6    . G   B 2 12 ? 9.006  1.434  11.058  1.00 1.00 ? 38 G   B O6    1 
ATOM   498 N N1    . G   B 2 12 ? 10.218 3.363  11.153  1.00 1.00 ? 38 G   B N1    1 
ATOM   499 C C2    . G   B 2 12 ? 11.381 4.085  11.037  1.00 1.00 ? 38 G   B C2    1 
ATOM   500 N N2    . G   B 2 12 ? 11.289 5.384  11.298  1.00 1.00 ? 38 G   B N2    1 
ATOM   501 N N3    . G   B 2 12 ? 12.548 3.556  10.676  1.00 1.00 ? 38 G   B N3    1 
ATOM   502 C C4    . G   B 2 12 ? 12.455 2.232  10.433  1.00 1.00 ? 38 G   B C4    1 
ATOM   503 P P     . C   B 2 13 ? 18.848 1.138  12.160  1.00 1.00 ? 39 C   B P     1 
ATOM   504 O OP1   . C   B 2 13 ? 20.264 1.563  12.123  1.00 1.00 ? 39 C   B OP1   1 
ATOM   505 O OP2   . C   B 2 13 ? 18.507 -0.266 12.482  1.00 1.00 ? 39 C   B OP2   1 
ATOM   506 O "O5'" . C   B 2 13 ? 18.063 2.095  13.189  1.00 1.00 ? 39 C   B "O5'" 1 
ATOM   507 C "C5'" . C   B 2 13 ? 17.941 3.501  12.934  1.00 1.00 ? 39 C   B "C5'" 1 
ATOM   508 C "C4'" . C   B 2 13 ? 16.917 4.159  13.858  1.00 1.00 ? 39 C   B "C4'" 1 
ATOM   509 O "O4'" . C   B 2 13 ? 15.577 4.128  13.306  1.00 1.00 ? 39 C   B "O4'" 1 
ATOM   510 C "C3'" . C   B 2 13 ? 16.857 3.449  15.195  1.00 1.00 ? 39 C   B "C3'" 1 
ATOM   511 O "O3'" . C   B 2 13 ? 17.676 4.093  16.182  1.00 1.00 ? 39 C   B "O3'" 1 
ATOM   512 C "C2'" . C   B 2 13 ? 15.407 3.469  15.591  1.00 1.00 ? 39 C   B "C2'" 1 
ATOM   513 O "O2'" . C   B 2 13 ? 15.203 4.357  16.668  1.00 1.00 ? 39 C   B "O2'" 1 
ATOM   514 C "C1'" . C   B 2 13 ? 14.627 3.930  14.381  1.00 1.00 ? 39 C   B "C1'" 1 
ATOM   515 N N1    . C   B 2 13 ? 13.590 2.929  14.056  1.00 1.00 ? 39 C   B N1    1 
ATOM   516 C C2    . C   B 2 13 ? 12.263 3.285  14.250  1.00 1.00 ? 39 C   B C2    1 
ATOM   517 O O2    . C   B 2 13 ? 11.978 4.412  14.653  1.00 1.00 ? 39 C   B O2    1 
ATOM   518 N N3    . C   B 2 13 ? 11.302 2.355  13.997  1.00 1.00 ? 39 C   B N3    1 
ATOM   519 C C4    . C   B 2 13 ? 11.631 1.130  13.567  1.00 1.00 ? 39 C   B C4    1 
ATOM   520 N N4    . C   B 2 13 ? 10.669 0.232  13.349  1.00 1.00 ? 39 C   B N4    1 
ATOM   521 C C5    . C   B 2 13 ? 12.999 0.768  13.361  1.00 1.00 ? 39 C   B C5    1 
ATOM   522 C C6    . C   B 2 13 ? 13.936 1.693  13.624  1.00 1.00 ? 39 C   B C6    1 
ATOM   523 P P     . U   B 2 14 ? 18.111 3.303  17.523  1.00 1.00 ? 40 U   B P     1 
ATOM   524 O OP1   . U   B 2 14 ? 19.295 3.983  18.096  1.00 1.00 ? 40 U   B OP1   1 
ATOM   525 O OP2   . U   B 2 14 ? 18.174 1.857  17.212  1.00 1.00 ? 40 U   B OP2   1 
ATOM   526 O "O5'" . U   B 2 14 ? 16.858 3.547  18.513  1.00 1.00 ? 40 U   B "O5'" 1 
ATOM   527 C "C5'" . U   B 2 14 ? 16.787 4.724  19.327  1.00 1.00 ? 40 U   B "C5'" 1 
ATOM   528 C "C4'" . U   B 2 14 ? 15.357 5.015  19.791  1.00 1.00 ? 40 U   B "C4'" 1 
ATOM   529 O "O4'" . U   B 2 14 ? 14.403 4.669  18.770  1.00 1.00 ? 40 U   B "O4'" 1 
ATOM   530 C "C3'" . U   B 2 14 ? 14.997 4.227  21.039  1.00 1.00 ? 40 U   B "C3'" 1 
ATOM   531 O "O3'" . U   B 2 14 ? 15.028 5.066  22.200  1.00 1.00 ? 40 U   B "O3'" 1 
ATOM   532 C "C2'" . U   B 2 14 ? 13.607 3.681  20.801  1.00 1.00 ? 40 U   B "C2'" 1 
ATOM   533 O "O2'" . U   B 2 14 ? 12.658 4.296  21.678  1.00 1.00 ? 40 U   B "O2'" 1 
ATOM   534 C "C1'" . U   B 2 14 ? 13.275 3.987  19.346  1.00 1.00 ? 40 U   B "C1'" 1 
ATOM   535 N N1    . U   B 2 14 ? 12.948 2.739  18.615  1.00 1.00 ? 40 U   B N1    1 
ATOM   536 C C2    . U   B 2 14 ? 11.613 2.366  18.565  1.00 1.00 ? 40 U   B C2    1 
ATOM   537 O O2    . U   B 2 14 ? 10.728 3.021  19.112  1.00 1.00 ? 40 U   B O2    1 
ATOM   538 N N3    . U   B 2 14 ? 11.331 1.205  17.871  1.00 1.00 ? 40 U   B N3    1 
ATOM   539 C C4    . U   B 2 14 ? 12.250 0.393  17.230  1.00 1.00 ? 40 U   B C4    1 
ATOM   540 O O4    . U   B 2 14 ? 11.882 -0.613 16.629  1.00 1.00 ? 40 U   B O4    1 
ATOM   541 C C5    . U   B 2 14 ? 13.616 0.853  17.334  1.00 1.00 ? 40 U   B C5    1 
ATOM   542 C C6    . U   B 2 14 ? 13.921 1.988  18.010  1.00 1.00 ? 40 U   B C6    1 
HETATM 543 C C     . CIR C 3 .  ? 0.555  0.308  -1.405  1.00 1.00 ? 1  CIR B C     1 
HETATM 544 O O     . CIR C 3 .  ? 0.806  1.473  -1.678  1.00 1.00 ? 1  CIR B O     1 
HETATM 545 O OXT   . CIR C 3 .  ? 0.720  -0.624 -2.181  1.00 1.00 ? 1  CIR B OXT   1 
HETATM 546 C CA    . CIR C 3 .  ? 0.000  0.000  0.000   1.00 1.00 ? 1  CIR B CA    1 
HETATM 547 N N     . CIR C 3 .  ? -1.137 -0.964 -0.117  1.00 1.00 ? 1  CIR B N     1 
HETATM 548 C C3    . CIR C 3 .  ? 1.100  -0.607 0.902   1.00 1.00 ? 1  CIR B C3    1 
HETATM 549 C C4    . CIR C 3 .  ? 2.483  -0.229 0.389   1.00 1.00 ? 1  CIR B C4    1 
HETATM 550 C C5    . CIR C 3 .  ? 2.766  1.240  0.696   1.00 1.00 ? 1  CIR B C5    1 
HETATM 551 N N6    . CIR C 3 .  ? 3.876  1.717  -0.188  1.00 1.00 ? 1  CIR B N6    1 
HETATM 552 C C7    . CIR C 3 .  ? 4.318  2.942  -0.096  1.00 1.00 ? 1  CIR B C7    1 
HETATM 553 O O7    . CIR C 3 .  ? 4.381  3.663  -1.090  1.00 1.00 ? 1  CIR B O7    1 
HETATM 554 N N8    . CIR C 3 .  ? 4.713  3.404  1.054   1.00 1.00 ? 1  CIR B N8    1 
# 
loop_
_pdbx_poly_seq_scheme.asym_id 
_pdbx_poly_seq_scheme.entity_id 
_pdbx_poly_seq_scheme.seq_id 
_pdbx_poly_seq_scheme.mon_id 
_pdbx_poly_seq_scheme.ndb_seq_num 
_pdbx_poly_seq_scheme.pdb_seq_num 
_pdbx_poly_seq_scheme.auth_seq_num 
_pdbx_poly_seq_scheme.pdb_mon_id 
_pdbx_poly_seq_scheme.auth_mon_id 
_pdbx_poly_seq_scheme.pdb_strand_id 
_pdbx_poly_seq_scheme.pdb_ins_code 
_pdbx_poly_seq_scheme.hetero 
A 1 1  A 1  5  5  A A A . n 
A 1 2  G 2  6  6  G G A . n 
A 1 3  A 3  7  7  A A A . n 
A 1 4  A 4  8  8  A A A . n 
A 1 5  G 5  9  9  G G A . n 
A 1 6  G 6  10 10 G G A . n 
A 1 7  A 7  11 11 A A A . n 
A 1 8  G 8  12 12 G G A . n 
A 1 9  U 9  13 13 U U A . n 
A 1 10 G 10 14 14 G G A . n 
A 1 11 U 11 15 15 U U A . n 
B 2 1  A 1  27 27 A A B . n 
B 2 2  C 2  28 28 C C B . n 
B 2 3  G 3  29 29 G G B . n 
B 2 4  G 4  30 30 G G B . n 
B 2 5  U 5  31 31 U U B . n 
B 2 6  U 6  32 32 U U B . n 
B 2 7  A 7  33 33 A A B . n 
B 2 8  G 8  34 34 G G B . n 
B 2 9  G 9  35 35 G G B . n 
B 2 10 U 10 36 36 U U B . n 
B 2 11 C 11 37 37 C C B . n 
B 2 12 G 12 38 38 G G B . n 
B 2 13 C 13 39 39 C C B . n 
B 2 14 U 14 40 40 U U B . n 
# 
_pdbx_nonpoly_scheme.asym_id         C 
_pdbx_nonpoly_scheme.entity_id       3 
_pdbx_nonpoly_scheme.mon_id          CIR 
_pdbx_nonpoly_scheme.ndb_seq_num     1 
_pdbx_nonpoly_scheme.pdb_seq_num     1 
_pdbx_nonpoly_scheme.auth_seq_num    1 
_pdbx_nonpoly_scheme.pdb_mon_id      CIR 
_pdbx_nonpoly_scheme.auth_mon_id     CIR 
_pdbx_nonpoly_scheme.pdb_strand_id   B 
_pdbx_nonpoly_scheme.pdb_ins_code    . 
# 
_pdbx_struct_assembly.id                   1 
_pdbx_struct_assembly.details              author_defined_assembly 
_pdbx_struct_assembly.method_details       ? 
_pdbx_struct_assembly.oligomeric_details   dimeric 
_pdbx_struct_assembly.oligomeric_count     2 
# 
_pdbx_struct_assembly_gen.assembly_id       1 
_pdbx_struct_assembly_gen.oper_expression   1 
_pdbx_struct_assembly_gen.asym_id_list      A,B,C 
# 
_pdbx_struct_oper_list.id                   1 
_pdbx_struct_oper_list.type                 'identity operation' 
_pdbx_struct_oper_list.name                 1_555 
_pdbx_struct_oper_list.symmetry_operation   x,y,z 
_pdbx_struct_oper_list.matrix[1][1]         1.0000000000 
_pdbx_struct_oper_list.matrix[1][2]         0.0000000000 
_pdbx_struct_oper_list.matrix[1][3]         0.0000000000 
_pdbx_struct_oper_list.vector[1]            0.0000000000 
_pdbx_struct_oper_list.matrix[2][1]         0.0000000000 
_pdbx_struct_oper_list.matrix[2][2]         1.0000000000 
_pdbx_struct_oper_list.matrix[2][3]         0.0000000000 
_pdbx_struct_oper_list.vector[2]            0.0000000000 
_pdbx_struct_oper_list.matrix[3][1]         0.0000000000 
_pdbx_struct_oper_list.matrix[3][2]         0.0000000000 
_pdbx_struct_oper_list.matrix[3][3]         1.0000000000 
_pdbx_struct_oper_list.vector[3]            0.0000000000 
# 
loop_
_pdbx_audit_revision_history.ordinal 
_pdbx_audit_revision_history.data_content_type 
_pdbx_audit_revision_history.major_revision 
_pdbx_audit_revision_history.minor_revision 
_pdbx_audit_revision_history.revision_date 
1 'Structure model' 1 0 1996-11-08 
2 'Structure model' 1 1 2008-03-24 
3 'Structure model' 1 2 2011-07-13 
4 'Structure model' 1 3 2022-02-23 
5 'Structure model' 2 0 2023-11-15 
# 
_pdbx_audit_revision_details.ordinal             1 
_pdbx_audit_revision_details.revision_ordinal    1 
_pdbx_audit_revision_details.data_content_type   'Structure model' 
_pdbx_audit_revision_details.provider            repository 
_pdbx_audit_revision_details.type                'Initial release' 
_pdbx_audit_revision_details.description         ? 
_pdbx_audit_revision_details.details             ? 
# 
loop_
_pdbx_audit_revision_group.ordinal 
_pdbx_audit_revision_group.revision_ordinal 
_pdbx_audit_revision_group.data_content_type 
_pdbx_audit_revision_group.group 
1 2 'Structure model' 'Version format compliance' 
2 3 'Structure model' 'Version format compliance' 
3 4 'Structure model' 'Database references'       
4 4 'Structure model' 'Derived calculations'      
5 4 'Structure model' Other                       
6 5 'Structure model' 'Atomic model'              
7 5 'Structure model' 'Data collection'           
# 
loop_
_pdbx_audit_revision_category.ordinal 
_pdbx_audit_revision_category.revision_ordinal 
_pdbx_audit_revision_category.data_content_type 
_pdbx_audit_revision_category.category 
1 4 'Structure model' database_2            
2 4 'Structure model' pdbx_database_status  
3 4 'Structure model' pdbx_struct_assembly  
4 4 'Structure model' pdbx_struct_oper_list 
5 4 'Structure model' struct_site           
6 5 'Structure model' atom_site             
7 5 'Structure model' chem_comp_atom        
8 5 'Structure model' chem_comp_bond        
# 
loop_
_pdbx_audit_revision_item.ordinal 
_pdbx_audit_revision_item.revision_ordinal 
_pdbx_audit_revision_item.data_content_type 
_pdbx_audit_revision_item.item 
1 4 'Structure model' '_database_2.pdbx_DOI'                
2 4 'Structure model' '_database_2.pdbx_database_accession' 
3 4 'Structure model' '_pdbx_database_status.process_site'  
4 4 'Structure model' '_struct_site.pdbx_auth_asym_id'      
5 4 'Structure model' '_struct_site.pdbx_auth_comp_id'      
6 4 'Structure model' '_struct_site.pdbx_auth_seq_id'       
7 5 'Structure model' '_atom_site.auth_atom_id'             
8 5 'Structure model' '_atom_site.label_atom_id'            
# 
loop_
_software.name 
_software.classification 
_software.version 
_software.citation_id 
_software.pdbx_ordinal 
X-PLOR 'model building' . ? 1 
X-PLOR refinement       . ? 2 
X-PLOR phasing          . ? 3 
# 
loop_
_pdbx_validate_rmsd_angle.id 
_pdbx_validate_rmsd_angle.PDB_model_num 
_pdbx_validate_rmsd_angle.auth_atom_id_1 
_pdbx_validate_rmsd_angle.auth_asym_id_1 
_pdbx_validate_rmsd_angle.auth_comp_id_1 
_pdbx_validate_rmsd_angle.auth_seq_id_1 
_pdbx_validate_rmsd_angle.PDB_ins_code_1 
_pdbx_validate_rmsd_angle.label_alt_id_1 
_pdbx_validate_rmsd_angle.auth_atom_id_2 
_pdbx_validate_rmsd_angle.auth_asym_id_2 
_pdbx_validate_rmsd_angle.auth_comp_id_2 
_pdbx_validate_rmsd_angle.auth_seq_id_2 
_pdbx_validate_rmsd_angle.PDB_ins_code_2 
_pdbx_validate_rmsd_angle.label_alt_id_2 
_pdbx_validate_rmsd_angle.auth_atom_id_3 
_pdbx_validate_rmsd_angle.auth_asym_id_3 
_pdbx_validate_rmsd_angle.auth_comp_id_3 
_pdbx_validate_rmsd_angle.auth_seq_id_3 
_pdbx_validate_rmsd_angle.PDB_ins_code_3 
_pdbx_validate_rmsd_angle.label_alt_id_3 
_pdbx_validate_rmsd_angle.angle_value 
_pdbx_validate_rmsd_angle.angle_target_value 
_pdbx_validate_rmsd_angle.angle_deviation 
_pdbx_validate_rmsd_angle.angle_standard_deviation 
_pdbx_validate_rmsd_angle.linker_flag 
1  1 OP1   A A 5  ? ? P     A A 5  ? ? OP2   A A 5  ? ? 110.34 119.60 -9.26 1.50 N 
2  1 "C3'" A A 5  ? ? "C2'" A A 5  ? ? "C1'" A A 5  ? ? 106.35 101.50 4.85  0.80 N 
3  1 N7    A A 5  ? ? C8    A A 5  ? ? N9    A A 5  ? ? 117.65 113.80 3.85  0.50 N 
4  1 "C3'" A G 6  ? ? "C2'" A G 6  ? ? "C1'" A G 6  ? ? 106.47 101.50 4.97  0.80 N 
5  1 N7    A G 6  ? ? C8    A G 6  ? ? N9    A G 6  ? ? 117.73 113.10 4.63  0.50 N 
6  1 C8    A G 6  ? ? N9    A G 6  ? ? C4    A G 6  ? ? 103.67 106.40 -2.73 0.40 N 
7  1 N7    A A 7  ? ? C8    A A 7  ? ? N9    A A 7  ? ? 117.50 113.80 3.70  0.50 N 
8  1 N7    A A 8  ? ? C8    A A 8  ? ? N9    A A 8  ? ? 117.57 113.80 3.77  0.50 N 
9  1 N7    A G 9  ? ? C8    A G 9  ? ? N9    A G 9  ? ? 117.77 113.10 4.67  0.50 N 
10 1 N7    A G 10 ? ? C8    A G 10 ? ? N9    A G 10 ? ? 117.52 113.10 4.42  0.50 N 
11 1 C8    A G 10 ? ? N9    A G 10 ? ? C4    A G 10 ? ? 103.54 106.40 -2.86 0.40 N 
12 1 N7    A A 11 ? ? C8    A A 11 ? ? N9    A A 11 ? ? 117.79 113.80 3.99  0.50 N 
13 1 "O4'" A G 12 ? ? "C1'" A G 12 ? ? N9    A G 12 ? ? 113.11 108.50 4.61  0.70 N 
14 1 N7    A G 12 ? ? C8    A G 12 ? ? N9    A G 12 ? ? 117.55 113.10 4.45  0.50 N 
15 1 C8    A G 12 ? ? N9    A G 12 ? ? C4    A G 12 ? ? 103.67 106.40 -2.73 0.40 N 
16 1 N7    A G 14 ? ? C8    A G 14 ? ? N9    A G 14 ? ? 118.19 113.10 5.09  0.50 N 
17 1 C8    A G 14 ? ? N9    A G 14 ? ? C4    A G 14 ? ? 103.64 106.40 -2.76 0.40 N 
18 1 "C3'" A U 15 ? ? "C2'" A U 15 ? ? "C1'" A U 15 ? ? 106.41 101.50 4.91  0.80 N 
19 1 OP1   B A 27 ? ? P     B A 27 ? ? OP2   B A 27 ? ? 110.35 119.60 -9.25 1.50 N 
20 1 N7    B A 27 ? ? C8    B A 27 ? ? N9    B A 27 ? ? 117.47 113.80 3.67  0.50 N 
21 1 N7    B G 29 ? ? C8    B G 29 ? ? N9    B G 29 ? ? 117.63 113.10 4.53  0.50 N 
22 1 C8    B G 29 ? ? N9    B G 29 ? ? C4    B G 29 ? ? 103.61 106.40 -2.79 0.40 N 
23 1 "C3'" B G 30 ? ? "C2'" B G 30 ? ? "C1'" B G 30 ? ? 106.40 101.50 4.90  0.80 N 
24 1 N7    B G 30 ? ? C8    B G 30 ? ? N9    B G 30 ? ? 117.42 113.10 4.32  0.50 N 
25 1 C8    B G 30 ? ? N9    B G 30 ? ? C4    B G 30 ? ? 103.62 106.40 -2.78 0.40 N 
26 1 "C3'" B U 31 ? ? "C2'" B U 31 ? ? "C1'" B U 31 ? ? 106.42 101.50 4.92  0.80 N 
27 1 "C3'" B U 32 ? ? "C2'" B U 32 ? ? "C1'" B U 32 ? ? 106.37 101.50 4.87  0.80 N 
28 1 N7    B A 33 ? ? C8    B A 33 ? ? N9    B A 33 ? ? 117.60 113.80 3.80  0.50 N 
29 1 N7    B G 34 ? ? C8    B G 34 ? ? N9    B G 34 ? ? 117.93 113.10 4.83  0.50 N 
30 1 C8    B G 34 ? ? N9    B G 34 ? ? C4    B G 34 ? ? 103.45 106.40 -2.95 0.40 N 
31 1 "O4'" B G 35 ? ? "C1'" B G 35 ? ? N9    B G 35 ? ? 114.58 108.50 6.08  0.70 N 
32 1 N7    B G 35 ? ? C8    B G 35 ? ? N9    B G 35 ? ? 118.57 113.10 5.47  0.50 N 
33 1 C8    B G 35 ? ? N9    B G 35 ? ? C4    B G 35 ? ? 103.59 106.40 -2.81 0.40 N 
34 1 "O4'" B U 36 ? ? "C1'" B U 36 ? ? N1    B U 36 ? ? 113.03 108.50 4.53  0.70 N 
35 1 N7    B G 38 ? ? C8    B G 38 ? ? N9    B G 38 ? ? 117.51 113.10 4.41  0.50 N 
36 1 C8    B G 38 ? ? N9    B G 38 ? ? C4    B G 38 ? ? 103.88 106.40 -2.52 0.40 N 
37 1 "C3'" B C 39 ? ? "C2'" B C 39 ? ? "C1'" B C 39 ? ? 106.92 101.50 5.42  0.80 N 
38 1 "O4'" B C 39 ? ? "C1'" B C 39 ? ? N1    B C 39 ? ? 112.90 108.50 4.40  0.70 N 
# 
loop_
_chem_comp_atom.comp_id 
_chem_comp_atom.atom_id 
_chem_comp_atom.type_symbol 
_chem_comp_atom.pdbx_aromatic_flag 
_chem_comp_atom.pdbx_stereo_config 
_chem_comp_atom.pdbx_ordinal 
A   OP3    O N N 1   
A   P      P N N 2   
A   OP1    O N N 3   
A   OP2    O N N 4   
A   "O5'"  O N N 5   
A   "C5'"  C N N 6   
A   "C4'"  C N R 7   
A   "O4'"  O N N 8   
A   "C3'"  C N S 9   
A   "O3'"  O N N 10  
A   "C2'"  C N R 11  
A   "O2'"  O N N 12  
A   "C1'"  C N R 13  
A   N9     N Y N 14  
A   C8     C Y N 15  
A   N7     N Y N 16  
A   C5     C Y N 17  
A   C6     C Y N 18  
A   N6     N N N 19  
A   N1     N Y N 20  
A   C2     C Y N 21  
A   N3     N Y N 22  
A   C4     C Y N 23  
A   HOP3   H N N 24  
A   HOP2   H N N 25  
A   "H5'"  H N N 26  
A   "H5''" H N N 27  
A   "H4'"  H N N 28  
A   "H3'"  H N N 29  
A   "HO3'" H N N 30  
A   "H2'"  H N N 31  
A   "HO2'" H N N 32  
A   "H1'"  H N N 33  
A   H8     H N N 34  
A   H61    H N N 35  
A   H62    H N N 36  
A   H2     H N N 37  
C   OP3    O N N 38  
C   P      P N N 39  
C   OP1    O N N 40  
C   OP2    O N N 41  
C   "O5'"  O N N 42  
C   "C5'"  C N N 43  
C   "C4'"  C N R 44  
C   "O4'"  O N N 45  
C   "C3'"  C N S 46  
C   "O3'"  O N N 47  
C   "C2'"  C N R 48  
C   "O2'"  O N N 49  
C   "C1'"  C N R 50  
C   N1     N N N 51  
C   C2     C N N 52  
C   O2     O N N 53  
C   N3     N N N 54  
C   C4     C N N 55  
C   N4     N N N 56  
C   C5     C N N 57  
C   C6     C N N 58  
C   HOP3   H N N 59  
C   HOP2   H N N 60  
C   "H5'"  H N N 61  
C   "H5''" H N N 62  
C   "H4'"  H N N 63  
C   "H3'"  H N N 64  
C   "HO3'" H N N 65  
C   "H2'"  H N N 66  
C   "HO2'" H N N 67  
C   "H1'"  H N N 68  
C   H41    H N N 69  
C   H42    H N N 70  
C   H5     H N N 71  
C   H6     H N N 72  
CIR C      C N N 73  
CIR O      O N N 74  
CIR OXT    O N N 75  
CIR CA     C N S 76  
CIR N      N N N 77  
CIR C3     C N N 78  
CIR C4     C N N 79  
CIR C5     C N N 80  
CIR N6     N N N 81  
CIR C7     C N N 82  
CIR O7     O N N 83  
CIR N8     N N N 84  
CIR HXT    H N N 85  
CIR HA     H N N 86  
CIR H2     H N N 87  
CIR H      H N N 88  
CIR H31    H N N 89  
CIR H32    H N N 90  
CIR H41    H N N 91  
CIR H42    H N N 92  
CIR H51    H N N 93  
CIR H52    H N N 94  
CIR HN6    H N N 95  
CIR HN81   H N N 96  
CIR HN82   H N N 97  
G   OP3    O N N 98  
G   P      P N N 99  
G   OP1    O N N 100 
G   OP2    O N N 101 
G   "O5'"  O N N 102 
G   "C5'"  C N N 103 
G   "C4'"  C N R 104 
G   "O4'"  O N N 105 
G   "C3'"  C N S 106 
G   "O3'"  O N N 107 
G   "C2'"  C N R 108 
G   "O2'"  O N N 109 
G   "C1'"  C N R 110 
G   N9     N Y N 111 
G   C8     C Y N 112 
G   N7     N Y N 113 
G   C5     C Y N 114 
G   C6     C N N 115 
G   O6     O N N 116 
G   N1     N N N 117 
G   C2     C N N 118 
G   N2     N N N 119 
G   N3     N N N 120 
G   C4     C Y N 121 
G   HOP3   H N N 122 
G   HOP2   H N N 123 
G   "H5'"  H N N 124 
G   "H5''" H N N 125 
G   "H4'"  H N N 126 
G   "H3'"  H N N 127 
G   "HO3'" H N N 128 
G   "H2'"  H N N 129 
G   "HO2'" H N N 130 
G   "H1'"  H N N 131 
G   H8     H N N 132 
G   H1     H N N 133 
G   H21    H N N 134 
G   H22    H N N 135 
U   OP3    O N N 136 
U   P      P N N 137 
U   OP1    O N N 138 
U   OP2    O N N 139 
U   "O5'"  O N N 140 
U   "C5'"  C N N 141 
U   "C4'"  C N R 142 
U   "O4'"  O N N 143 
U   "C3'"  C N S 144 
U   "O3'"  O N N 145 
U   "C2'"  C N R 146 
U   "O2'"  O N N 147 
U   "C1'"  C N R 148 
U   N1     N N N 149 
U   C2     C N N 150 
U   O2     O N N 151 
U   N3     N N N 152 
U   C4     C N N 153 
U   O4     O N N 154 
U   C5     C N N 155 
U   C6     C N N 156 
U   HOP3   H N N 157 
U   HOP2   H N N 158 
U   "H5'"  H N N 159 
U   "H5''" H N N 160 
U   "H4'"  H N N 161 
U   "H3'"  H N N 162 
U   "HO3'" H N N 163 
U   "H2'"  H N N 164 
U   "HO2'" H N N 165 
U   "H1'"  H N N 166 
U   H3     H N N 167 
U   H5     H N N 168 
U   H6     H N N 169 
# 
loop_
_chem_comp_bond.comp_id 
_chem_comp_bond.atom_id_1 
_chem_comp_bond.atom_id_2 
_chem_comp_bond.value_order 
_chem_comp_bond.pdbx_aromatic_flag 
_chem_comp_bond.pdbx_stereo_config 
_chem_comp_bond.pdbx_ordinal 
A   OP3   P      sing N N 1   
A   OP3   HOP3   sing N N 2   
A   P     OP1    doub N N 3   
A   P     OP2    sing N N 4   
A   P     "O5'"  sing N N 5   
A   OP2   HOP2   sing N N 6   
A   "O5'" "C5'"  sing N N 7   
A   "C5'" "C4'"  sing N N 8   
A   "C5'" "H5'"  sing N N 9   
A   "C5'" "H5''" sing N N 10  
A   "C4'" "O4'"  sing N N 11  
A   "C4'" "C3'"  sing N N 12  
A   "C4'" "H4'"  sing N N 13  
A   "O4'" "C1'"  sing N N 14  
A   "C3'" "O3'"  sing N N 15  
A   "C3'" "C2'"  sing N N 16  
A   "C3'" "H3'"  sing N N 17  
A   "O3'" "HO3'" sing N N 18  
A   "C2'" "O2'"  sing N N 19  
A   "C2'" "C1'"  sing N N 20  
A   "C2'" "H2'"  sing N N 21  
A   "O2'" "HO2'" sing N N 22  
A   "C1'" N9     sing N N 23  
A   "C1'" "H1'"  sing N N 24  
A   N9    C8     sing Y N 25  
A   N9    C4     sing Y N 26  
A   C8    N7     doub Y N 27  
A   C8    H8     sing N N 28  
A   N7    C5     sing Y N 29  
A   C5    C6     sing Y N 30  
A   C5    C4     doub Y N 31  
A   C6    N6     sing N N 32  
A   C6    N1     doub Y N 33  
A   N6    H61    sing N N 34  
A   N6    H62    sing N N 35  
A   N1    C2     sing Y N 36  
A   C2    N3     doub Y N 37  
A   C2    H2     sing N N 38  
A   N3    C4     sing Y N 39  
C   OP3   P      sing N N 40  
C   OP3   HOP3   sing N N 41  
C   P     OP1    doub N N 42  
C   P     OP2    sing N N 43  
C   P     "O5'"  sing N N 44  
C   OP2   HOP2   sing N N 45  
C   "O5'" "C5'"  sing N N 46  
C   "C5'" "C4'"  sing N N 47  
C   "C5'" "H5'"  sing N N 48  
C   "C5'" "H5''" sing N N 49  
C   "C4'" "O4'"  sing N N 50  
C   "C4'" "C3'"  sing N N 51  
C   "C4'" "H4'"  sing N N 52  
C   "O4'" "C1'"  sing N N 53  
C   "C3'" "O3'"  sing N N 54  
C   "C3'" "C2'"  sing N N 55  
C   "C3'" "H3'"  sing N N 56  
C   "O3'" "HO3'" sing N N 57  
C   "C2'" "O2'"  sing N N 58  
C   "C2'" "C1'"  sing N N 59  
C   "C2'" "H2'"  sing N N 60  
C   "O2'" "HO2'" sing N N 61  
C   "C1'" N1     sing N N 62  
C   "C1'" "H1'"  sing N N 63  
C   N1    C2     sing N N 64  
C   N1    C6     sing N N 65  
C   C2    O2     doub N N 66  
C   C2    N3     sing N N 67  
C   N3    C4     doub N N 68  
C   C4    N4     sing N N 69  
C   C4    C5     sing N N 70  
C   N4    H41    sing N N 71  
C   N4    H42    sing N N 72  
C   C5    C6     doub N N 73  
C   C5    H5     sing N N 74  
C   C6    H6     sing N N 75  
CIR C     O      doub N N 76  
CIR C     OXT    sing N N 77  
CIR C     CA     sing N N 78  
CIR OXT   HXT    sing N N 79  
CIR CA    N      sing N N 80  
CIR CA    C3     sing N N 81  
CIR CA    HA     sing N N 82  
CIR N     H2     sing N N 83  
CIR N     H      sing N N 84  
CIR C3    C4     sing N N 85  
CIR C3    H31    sing N N 86  
CIR C3    H32    sing N N 87  
CIR C4    C5     sing N N 88  
CIR C4    H41    sing N N 89  
CIR C4    H42    sing N N 90  
CIR C5    N6     sing N N 91  
CIR C5    H51    sing N N 92  
CIR C5    H52    sing N N 93  
CIR N6    C7     sing N N 94  
CIR N6    HN6    sing N N 95  
CIR C7    O7     doub N N 96  
CIR C7    N8     sing N N 97  
CIR N8    HN81   sing N N 98  
CIR N8    HN82   sing N N 99  
G   OP3   P      sing N N 100 
G   OP3   HOP3   sing N N 101 
G   P     OP1    doub N N 102 
G   P     OP2    sing N N 103 
G   P     "O5'"  sing N N 104 
G   OP2   HOP2   sing N N 105 
G   "O5'" "C5'"  sing N N 106 
G   "C5'" "C4'"  sing N N 107 
G   "C5'" "H5'"  sing N N 108 
G   "C5'" "H5''" sing N N 109 
G   "C4'" "O4'"  sing N N 110 
G   "C4'" "C3'"  sing N N 111 
G   "C4'" "H4'"  sing N N 112 
G   "O4'" "C1'"  sing N N 113 
G   "C3'" "O3'"  sing N N 114 
G   "C3'" "C2'"  sing N N 115 
G   "C3'" "H3'"  sing N N 116 
G   "O3'" "HO3'" sing N N 117 
G   "C2'" "O2'"  sing N N 118 
G   "C2'" "C1'"  sing N N 119 
G   "C2'" "H2'"  sing N N 120 
G   "O2'" "HO2'" sing N N 121 
G   "C1'" N9     sing N N 122 
G   "C1'" "H1'"  sing N N 123 
G   N9    C8     sing Y N 124 
G   N9    C4     sing Y N 125 
G   C8    N7     doub Y N 126 
G   C8    H8     sing N N 127 
G   N7    C5     sing Y N 128 
G   C5    C6     sing N N 129 
G   C5    C4     doub Y N 130 
G   C6    O6     doub N N 131 
G   C6    N1     sing N N 132 
G   N1    C2     sing N N 133 
G   N1    H1     sing N N 134 
G   C2    N2     sing N N 135 
G   C2    N3     doub N N 136 
G   N2    H21    sing N N 137 
G   N2    H22    sing N N 138 
G   N3    C4     sing N N 139 
U   OP3   P      sing N N 140 
U   OP3   HOP3   sing N N 141 
U   P     OP1    doub N N 142 
U   P     OP2    sing N N 143 
U   P     "O5'"  sing N N 144 
U   OP2   HOP2   sing N N 145 
U   "O5'" "C5'"  sing N N 146 
U   "C5'" "C4'"  sing N N 147 
U   "C5'" "H5'"  sing N N 148 
U   "C5'" "H5''" sing N N 149 
U   "C4'" "O4'"  sing N N 150 
U   "C4'" "C3'"  sing N N 151 
U   "C4'" "H4'"  sing N N 152 
U   "O4'" "C1'"  sing N N 153 
U   "C3'" "O3'"  sing N N 154 
U   "C3'" "C2'"  sing N N 155 
U   "C3'" "H3'"  sing N N 156 
U   "O3'" "HO3'" sing N N 157 
U   "C2'" "O2'"  sing N N 158 
U   "C2'" "C1'"  sing N N 159 
U   "C2'" "H2'"  sing N N 160 
U   "O2'" "HO2'" sing N N 161 
U   "C1'" N1     sing N N 162 
U   "C1'" "H1'"  sing N N 163 
U   N1    C2     sing N N 164 
U   N1    C6     sing N N 165 
U   C2    O2     doub N N 166 
U   C2    N3     sing N N 167 
U   N3    C4     sing N N 168 
U   N3    H3     sing N N 169 
U   C4    O4     doub N N 170 
U   C4    C5     sing N N 171 
U   C5    C6     doub N N 172 
U   C5    H5     sing N N 173 
U   C6    H6     sing N N 174 
# 
loop_
_ndb_struct_conf_na.entry_id 
_ndb_struct_conf_na.feature 
1KOD 'double helix'         
1KOD 'bulge loop'           
1KOD 'mismatched base pair' 
1KOD 'triple helix'         
# 
loop_
_ndb_struct_na_base_pair.model_number 
_ndb_struct_na_base_pair.i_label_asym_id 
_ndb_struct_na_base_pair.i_label_comp_id 
_ndb_struct_na_base_pair.i_label_seq_id 
_ndb_struct_na_base_pair.i_symmetry 
_ndb_struct_na_base_pair.j_label_asym_id 
_ndb_struct_na_base_pair.j_label_comp_id 
_ndb_struct_na_base_pair.j_label_seq_id 
_ndb_struct_na_base_pair.j_symmetry 
_ndb_struct_na_base_pair.shear 
_ndb_struct_na_base_pair.stretch 
_ndb_struct_na_base_pair.stagger 
_ndb_struct_na_base_pair.buckle 
_ndb_struct_na_base_pair.propeller 
_ndb_struct_na_base_pair.opening 
_ndb_struct_na_base_pair.pair_number 
_ndb_struct_na_base_pair.pair_name 
_ndb_struct_na_base_pair.i_auth_asym_id 
_ndb_struct_na_base_pair.i_auth_seq_id 
_ndb_struct_na_base_pair.i_PDB_ins_code 
_ndb_struct_na_base_pair.j_auth_asym_id 
_ndb_struct_na_base_pair.j_auth_seq_id 
_ndb_struct_na_base_pair.j_PDB_ins_code 
_ndb_struct_na_base_pair.hbond_type_28 
_ndb_struct_na_base_pair.hbond_type_12 
1 A A 1  1_555 B U 14 1_555 -0.412 -0.563 -2.167 -2.274  -8.721  7.876    1  A_A5:U40_B  A 5  ? B 40 ? 20 1 
1 A A 3  1_555 B C 13 1_555 -1.172 -0.577 1.051  -9.481  12.823  21.580   2  A_A7:C39_B  A 7  ? B 39 ? ?  1 
1 B G 8  1_555 B G 12 1_555 -0.139 3.948  -1.222 -16.307 30.454  -141.160 3  B_G34:G38_B B 34 ? B 38 ? ?  ? 
1 A G 6  1_555 B C 11 1_555 -0.808 0.211  0.301  26.579  0.032   10.281   4  A_G10:C37_B A 10 ? B 37 ? ?  1 
1 A A 7  1_555 B G 4  1_555 -0.679 -4.191 -0.058 -22.278 49.070  160.737  5  A_A11:G30_B A 11 ? B 30 ? ?  ? 
1 A G 8  1_555 A G 5  1_555 1.457  -4.929 -0.431 47.975  -19.965 108.561  6  A_G12:G9_A  A 12 ? A 9  ? ?  ? 
1 A U 9  1_555 B G 3  1_555 -3.568 0.780  -1.453 -17.695 -41.512 -75.134  7  A_U13:G29_B A 13 ? B 29 ? ?  ? 
1 A G 10 1_555 B C 2  1_555 -0.539 -0.705 -1.499 -16.697 -5.923  -0.559   8  A_G14:C28_B A 14 ? B 28 ? 19 1 
1 A U 11 1_555 B A 1  1_555 -0.643 0.215  -1.293 43.986  3.814   8.745    9  A_U15:A27_B A 15 ? B 27 ? 20 1 
1 B A 7  1_555 B G 9  1_555 -2.798 4.394  1.130  46.568  0.416   -122.402 10 B_A33:G35_B B 33 ? B 35 ? ?  5 
# 
loop_
_ndb_struct_na_base_pair_step.model_number 
_ndb_struct_na_base_pair_step.i_label_asym_id_1 
_ndb_struct_na_base_pair_step.i_label_comp_id_1 
_ndb_struct_na_base_pair_step.i_label_seq_id_1 
_ndb_struct_na_base_pair_step.i_symmetry_1 
_ndb_struct_na_base_pair_step.j_label_asym_id_1 
_ndb_struct_na_base_pair_step.j_label_comp_id_1 
_ndb_struct_na_base_pair_step.j_label_seq_id_1 
_ndb_struct_na_base_pair_step.j_symmetry_1 
_ndb_struct_na_base_pair_step.i_label_asym_id_2 
_ndb_struct_na_base_pair_step.i_label_comp_id_2 
_ndb_struct_na_base_pair_step.i_label_seq_id_2 
_ndb_struct_na_base_pair_step.i_symmetry_2 
_ndb_struct_na_base_pair_step.j_label_asym_id_2 
_ndb_struct_na_base_pair_step.j_label_comp_id_2 
_ndb_struct_na_base_pair_step.j_label_seq_id_2 
_ndb_struct_na_base_pair_step.j_symmetry_2 
_ndb_struct_na_base_pair_step.shift 
_ndb_struct_na_base_pair_step.slide 
_ndb_struct_na_base_pair_step.rise 
_ndb_struct_na_base_pair_step.tilt 
_ndb_struct_na_base_pair_step.roll 
_ndb_struct_na_base_pair_step.twist 
_ndb_struct_na_base_pair_step.x_displacement 
_ndb_struct_na_base_pair_step.y_displacement 
_ndb_struct_na_base_pair_step.helical_rise 
_ndb_struct_na_base_pair_step.inclination 
_ndb_struct_na_base_pair_step.tip 
_ndb_struct_na_base_pair_step.helical_twist 
_ndb_struct_na_base_pair_step.step_number 
_ndb_struct_na_base_pair_step.step_name 
_ndb_struct_na_base_pair_step.i_auth_asym_id_1 
_ndb_struct_na_base_pair_step.i_auth_seq_id_1 
_ndb_struct_na_base_pair_step.i_PDB_ins_code_1 
_ndb_struct_na_base_pair_step.j_auth_asym_id_1 
_ndb_struct_na_base_pair_step.j_auth_seq_id_1 
_ndb_struct_na_base_pair_step.j_PDB_ins_code_1 
_ndb_struct_na_base_pair_step.i_auth_asym_id_2 
_ndb_struct_na_base_pair_step.i_auth_seq_id_2 
_ndb_struct_na_base_pair_step.i_PDB_ins_code_2 
_ndb_struct_na_base_pair_step.j_auth_asym_id_2 
_ndb_struct_na_base_pair_step.j_auth_seq_id_2 
_ndb_struct_na_base_pair_step.j_PDB_ins_code_2 
1 A A 1  1_555 B U 14 1_555 A A 3  1_555 B C 13 1_555 -0.805 -0.611 5.680  -0.365   21.881   39.035   -4.250 1.005  4.726  30.052 
0.501   44.541   1 AA_A5A7:C39U40_BB   A 5  ? B 40 ? A 7  ? B 39 ? 
1 A A 3  1_555 B C 13 1_555 B G 8  1_555 B G 12 1_555 3.616  -0.555 0.380  -113.444 -120.166 -124.474 0.428  1.670  1.299  60.694 
-57.299 -173.147 2 AB_A7G34:G38C39_BB  A 7  ? B 39 ? B 34 ? B 38 ? 
1 B G 8  1_555 B G 12 1_555 A G 6  1_555 B C 11 1_555 1.958  2.584  -3.573 -155.756 -16.907  -129.333 -1.367 1.630  -2.306 8.571  
-78.967 -170.074 3 BA_G34G10:C37G38_BB B 34 ? B 38 ? A 10 ? B 37 ? 
1 A G 6  1_555 B C 11 1_555 A A 7  1_555 B G 4  1_555 4.201  -0.180 4.208  -10.193  -39.981  -43.048  3.160  3.510  3.713  44.321 
-11.299 -58.941  4 AA_G10A11:G30C37_BB A 10 ? B 37 ? A 11 ? B 30 ? 
1 A A 7  1_555 B G 4  1_555 A G 8  1_555 A G 5  1_555 -1.084 -1.651 1.956  4.638    48.808   60.688   -1.984 0.937  0.586  41.883 
-3.980  76.519   5 AA_A11G12:G9G30_AB  A 11 ? B 30 ? A 12 ? A 9  ? 
1 A G 8  1_555 A G 5  1_555 A U 9  1_555 B G 3  1_555 -0.264 -1.125 3.660  -17.726  3.266    124.966  -0.662 -0.016 3.652  1.837  
9.972   125.701  6 AA_G12U13:G29G9_BA  A 12 ? A 9  ? A 13 ? B 29 ? 
1 A U 9  1_555 B G 3  1_555 A G 10 1_555 B C 2  1_555 0.850  0.457  3.687  2.081    5.905    21.812   -1.314 -1.288 3.742  15.206 
-5.360  22.682   7 AA_U13G14:C28G29_BB A 13 ? B 29 ? A 14 ? B 28 ? 
1 A G 10 1_555 B C 2  1_555 A U 11 1_555 B A 1  1_555 -1.076 -1.009 2.560  -22.683  9.960    19.274   -3.530 -1.786 2.043  21.181 
48.238  31.295   8 AA_G14U15:A27C28_BB A 14 ? B 28 ? A 15 ? B 27 ? 
# 
_pdbx_entity_nonpoly.entity_id   3 
_pdbx_entity_nonpoly.name        CITRULLINE 
_pdbx_entity_nonpoly.comp_id     CIR 
# 
